data_1SIF
# 
_entry.id   1SIF 
# 
_audit_conform.dict_name       mmcif_pdbx.dic 
_audit_conform.dict_version    5.376 
_audit_conform.dict_location   http://mmcif.pdb.org/dictionaries/ascii/mmcif_pdbx.dic 
# 
loop_
_database_2.database_id 
_database_2.database_code 
_database_2.pdbx_database_accession 
_database_2.pdbx_DOI 
PDB   1SIF         pdb_00001sif 10.2210/pdb1sif/pdb 
RCSB  RCSB021733   ?            ?                   
WWPDB D_1000021733 ?            ?                   
# 
_pdbx_database_related.db_name        PDB 
_pdbx_database_related.db_id          1UB4 
_pdbx_database_related.details        'ubiquitin core mutant' 
_pdbx_database_related.content_type   unspecified 
# 
_pdbx_database_status.status_code                     REL 
_pdbx_database_status.entry_id                        1SIF 
_pdbx_database_status.recvd_initial_deposition_date   2004-02-29 
_pdbx_database_status.deposit_site                    RCSB 
_pdbx_database_status.process_site                    RCSB 
_pdbx_database_status.status_code_sf                  REL 
_pdbx_database_status.SG_entry                        . 
_pdbx_database_status.pdb_format_compatible           Y 
_pdbx_database_status.status_code_mr                  ? 
_pdbx_database_status.status_code_cs                  ? 
_pdbx_database_status.status_code_nmr_data            ? 
_pdbx_database_status.methods_development_category    ? 
# 
loop_
_audit_author.name 
_audit_author.pdbx_ordinal 
'Benitez-Cardoza, C.G.' 1 
'Stott, K.'             2 
'Hirshberg, M.'         3 
'Went, H.M.'            4 
'Woolfson, D.N.'        5 
'Jackson, S.E.'         6 
# 
_citation.id                        primary 
_citation.title                     
'Exploring sequence/folding space: folding studies on multiple hydrophobic core mutants of ubiquitin' 
_citation.journal_abbrev            Biochemistry 
_citation.journal_volume            43 
_citation.page_first                5195 
_citation.page_last                 5203 
_citation.year                      2004 
_citation.journal_id_ASTM           BICHAW 
_citation.country                   US 
_citation.journal_id_ISSN           0006-2960 
_citation.journal_id_CSD            0033 
_citation.book_publisher            ? 
_citation.pdbx_database_id_PubMed   15122885 
_citation.pdbx_database_id_DOI      10.1021/bi0361620 
# 
loop_
_citation_author.citation_id 
_citation_author.name 
_citation_author.ordinal 
_citation_author.identifier_ORCID 
primary 'Benitez-Cardoza, C.G.' 1 ? 
primary 'Stott, K.'             2 ? 
primary 'Hirshberg, M.'         3 ? 
primary 'Went, H.M.'            4 ? 
primary 'Woolfson, D.N.'        5 ? 
primary 'Jackson, S.E.'         6 ? 
# 
_cell.entry_id           1SIF 
_cell.length_a           46.806 
_cell.length_b           49.022 
_cell.length_c           75.856 
_cell.angle_alpha        90.00 
_cell.angle_beta         90.00 
_cell.angle_gamma        90.00 
_cell.Z_PDB              8 
_cell.pdbx_unique_axis   ? 
# 
_symmetry.entry_id                         1SIF 
_symmetry.space_group_name_H-M             'I 2 2 2' 
_symmetry.pdbx_full_space_group_name_H-M   ? 
_symmetry.cell_setting                     ? 
_symmetry.Int_Tables_number                23 
_symmetry.space_group_name_Hall            ? 
# 
loop_
_entity.id 
_entity.type 
_entity.src_method 
_entity.pdbx_description 
_entity.formula_weight 
_entity.pdbx_number_of_molecules 
_entity.pdbx_ec 
_entity.pdbx_mutation 
_entity.pdbx_fragment 
_entity.details 
1 polymer man ubiquitin 10051.416 1  ? 'M1L, I3L, V5I, I13F, L15V, V17M, V26L' ? ? 
2 water   nat water     18.015    49 ? ?                                       ? ? 
# 
_entity_poly.entity_id                      1 
_entity_poly.type                           'polypeptide(L)' 
_entity_poly.nstd_linkage                   no 
_entity_poly.nstd_monomer                   no 
_entity_poly.pdbx_seq_one_letter_code       
;HHHHHHLQGLQLFIKTLTGKTFTVEMEPSDTIENLKAKIQDKEGIPPDQQRLIFAGKQLEDGRTLSDYNIQKESTLHLVL
RLRGGGLD
;
_entity_poly.pdbx_seq_one_letter_code_can   
;HHHHHHLQGLQLFIKTLTGKTFTVEMEPSDTIENLKAKIQDKEGIPPDQQRLIFAGKQLEDGRTLSDYNIQKESTLHLVL
RLRGGGLD
;
_entity_poly.pdbx_strand_id                 A 
_entity_poly.pdbx_target_identifier         ? 
# 
loop_
_entity_poly_seq.entity_id 
_entity_poly_seq.num 
_entity_poly_seq.mon_id 
_entity_poly_seq.hetero 
1 1  HIS n 
1 2  HIS n 
1 3  HIS n 
1 4  HIS n 
1 5  HIS n 
1 6  HIS n 
1 7  LEU n 
1 8  GLN n 
1 9  GLY n 
1 10 LEU n 
1 11 GLN n 
1 12 LEU n 
1 13 PHE n 
1 14 ILE n 
1 15 LYS n 
1 16 THR n 
1 17 LEU n 
1 18 THR n 
1 19 GLY n 
1 20 LYS n 
1 21 THR n 
1 22 PHE n 
1 23 THR n 
1 24 VAL n 
1 25 GLU n 
1 26 MET n 
1 27 GLU n 
1 28 PRO n 
1 29 SER n 
1 30 ASP n 
1 31 THR n 
1 32 ILE n 
1 33 GLU n 
1 34 ASN n 
1 35 LEU n 
1 36 LYS n 
1 37 ALA n 
1 38 LYS n 
1 39 ILE n 
1 40 GLN n 
1 41 ASP n 
1 42 LYS n 
1 43 GLU n 
1 44 GLY n 
1 45 ILE n 
1 46 PRO n 
1 47 PRO n 
1 48 ASP n 
1 49 GLN n 
1 50 GLN n 
1 51 ARG n 
1 52 LEU n 
1 53 ILE n 
1 54 PHE n 
1 55 ALA n 
1 56 GLY n 
1 57 LYS n 
1 58 GLN n 
1 59 LEU n 
1 60 GLU n 
1 61 ASP n 
1 62 GLY n 
1 63 ARG n 
1 64 THR n 
1 65 LEU n 
1 66 SER n 
1 67 ASP n 
1 68 TYR n 
1 69 ASN n 
1 70 ILE n 
1 71 GLN n 
1 72 LYS n 
1 73 GLU n 
1 74 SER n 
1 75 THR n 
1 76 LEU n 
1 77 HIS n 
1 78 LEU n 
1 79 VAL n 
1 80 LEU n 
1 81 ARG n 
1 82 LEU n 
1 83 ARG n 
1 84 GLY n 
1 85 GLY n 
1 86 GLY n 
1 87 LEU n 
1 88 ASP n 
# 
_entity_src_gen.entity_id                          1 
_entity_src_gen.pdbx_src_id                        1 
_entity_src_gen.pdbx_alt_source_flag               sample 
_entity_src_gen.pdbx_seq_type                      ? 
_entity_src_gen.pdbx_beg_seq_num                   ? 
_entity_src_gen.pdbx_end_seq_num                   ? 
_entity_src_gen.gene_src_common_name               human 
_entity_src_gen.gene_src_genus                     Homo 
_entity_src_gen.pdbx_gene_src_gene                 ? 
_entity_src_gen.gene_src_species                   ? 
_entity_src_gen.gene_src_strain                    ? 
_entity_src_gen.gene_src_tissue                    ? 
_entity_src_gen.gene_src_tissue_fraction           ? 
_entity_src_gen.gene_src_details                   ? 
_entity_src_gen.pdbx_gene_src_fragment             ? 
_entity_src_gen.pdbx_gene_src_scientific_name      'Homo sapiens' 
_entity_src_gen.pdbx_gene_src_ncbi_taxonomy_id     9606 
_entity_src_gen.pdbx_gene_src_variant              ? 
_entity_src_gen.pdbx_gene_src_cell_line            ? 
_entity_src_gen.pdbx_gene_src_atcc                 ? 
_entity_src_gen.pdbx_gene_src_organ                ? 
_entity_src_gen.pdbx_gene_src_organelle            ? 
_entity_src_gen.pdbx_gene_src_cell                 ? 
_entity_src_gen.pdbx_gene_src_cellular_location    ? 
_entity_src_gen.host_org_common_name               ? 
_entity_src_gen.pdbx_host_org_scientific_name      'Escherichia coli' 
_entity_src_gen.pdbx_host_org_ncbi_taxonomy_id     562 
_entity_src_gen.host_org_genus                     Escherichia 
_entity_src_gen.pdbx_host_org_gene                 ? 
_entity_src_gen.pdbx_host_org_organ                ? 
_entity_src_gen.host_org_species                   ? 
_entity_src_gen.pdbx_host_org_tissue               ? 
_entity_src_gen.pdbx_host_org_tissue_fraction      ? 
_entity_src_gen.pdbx_host_org_strain               HB2151 
_entity_src_gen.pdbx_host_org_variant              ? 
_entity_src_gen.pdbx_host_org_cell_line            ? 
_entity_src_gen.pdbx_host_org_atcc                 ? 
_entity_src_gen.pdbx_host_org_culture_collection   ? 
_entity_src_gen.pdbx_host_org_cell                 ? 
_entity_src_gen.pdbx_host_org_organelle            ? 
_entity_src_gen.pdbx_host_org_cellular_location    ? 
_entity_src_gen.pdbx_host_org_vector_type          plasmid 
_entity_src_gen.pdbx_host_org_vector               ? 
_entity_src_gen.host_org_details                   ? 
_entity_src_gen.expression_system_id               ? 
_entity_src_gen.plasmid_name                       ? 
_entity_src_gen.plasmid_details                    ? 
_entity_src_gen.pdbx_description                   ? 
# 
_struct_ref.id                         1 
_struct_ref.db_name                    UNP 
_struct_ref.db_code                    UBIQ_HUMAN 
_struct_ref.entity_id                  1 
_struct_ref.pdbx_seq_one_letter_code   MQIFVKTLTGKTITLEVEPSDTIENVKAKIQDKEGIPPDQQRLIFAGKQLEDGRTLSDYNIQKESTLHLVLRLRGG 
_struct_ref.pdbx_align_begin           1 
_struct_ref.pdbx_db_accession          P62988 
_struct_ref.pdbx_db_isoform            ? 
# 
_struct_ref_seq.align_id                      1 
_struct_ref_seq.ref_id                        1 
_struct_ref_seq.pdbx_PDB_id_code              1SIF 
_struct_ref_seq.pdbx_strand_id                A 
_struct_ref_seq.seq_align_beg                 10 
_struct_ref_seq.pdbx_seq_align_beg_ins_code   ? 
_struct_ref_seq.seq_align_end                 85 
_struct_ref_seq.pdbx_seq_align_end_ins_code   ? 
_struct_ref_seq.pdbx_db_accession             P62988 
_struct_ref_seq.db_align_beg                  1 
_struct_ref_seq.pdbx_db_align_beg_ins_code    ? 
_struct_ref_seq.db_align_end                  76 
_struct_ref_seq.pdbx_db_align_end_ins_code    ? 
_struct_ref_seq.pdbx_auth_seq_align_beg       1 
_struct_ref_seq.pdbx_auth_seq_align_end       76 
# 
loop_
_struct_ref_seq_dif.align_id 
_struct_ref_seq_dif.pdbx_pdb_id_code 
_struct_ref_seq_dif.mon_id 
_struct_ref_seq_dif.pdbx_pdb_strand_id 
_struct_ref_seq_dif.seq_num 
_struct_ref_seq_dif.pdbx_pdb_ins_code 
_struct_ref_seq_dif.pdbx_seq_db_name 
_struct_ref_seq_dif.pdbx_seq_db_accession_code 
_struct_ref_seq_dif.db_mon_id 
_struct_ref_seq_dif.pdbx_seq_db_seq_num 
_struct_ref_seq_dif.details 
_struct_ref_seq_dif.pdbx_auth_seq_num 
_struct_ref_seq_dif.pdbx_ordinal 
1 1SIF HIS A 1  ? UNP P62988 ?   ?  'expression tag'      -8 1  
1 1SIF HIS A 2  ? UNP P62988 ?   ?  'expression tag'      -7 2  
1 1SIF HIS A 3  ? UNP P62988 ?   ?  'expression tag'      -6 3  
1 1SIF HIS A 4  ? UNP P62988 ?   ?  'expression tag'      -5 4  
1 1SIF HIS A 5  ? UNP P62988 ?   ?  'expression tag'      -4 5  
1 1SIF HIS A 6  ? UNP P62988 ?   ?  'expression tag'      -3 6  
1 1SIF LEU A 7  ? UNP P62988 ?   ?  'cloning artifact'    -2 7  
1 1SIF GLN A 8  ? UNP P62988 ?   ?  'cloning artifact'    -1 8  
1 1SIF GLY A 9  ? UNP P62988 ?   ?  'cloning artifact'    0  9  
1 1SIF LEU A 10 ? UNP P62988 MET 1  'engineered mutation' 1  10 
1 1SIF LEU A 12 ? UNP P62988 ILE 3  'engineered mutation' 3  11 
1 1SIF ILE A 14 ? UNP P62988 VAL 5  'engineered mutation' 5  12 
1 1SIF PHE A 22 ? UNP P62988 ILE 13 'engineered mutation' 13 13 
1 1SIF VAL A 24 ? UNP P62988 LEU 15 'engineered mutation' 15 14 
1 1SIF MET A 26 ? UNP P62988 VAL 17 'engineered mutation' 17 15 
1 1SIF LEU A 35 ? UNP P62988 VAL 26 'engineered mutation' 26 16 
1 1SIF GLY A 86 ? UNP P62988 ?   ?  'cloning artifact'    77 17 
1 1SIF LEU A 87 ? UNP P62988 ?   ?  'cloning artifact'    78 18 
1 1SIF ASP A 88 ? UNP P62988 ?   ?  'cloning artifact'    79 19 
# 
loop_
_chem_comp.id 
_chem_comp.type 
_chem_comp.mon_nstd_flag 
_chem_comp.name 
_chem_comp.pdbx_synonyms 
_chem_comp.formula 
_chem_comp.formula_weight 
ALA 'L-peptide linking' y ALANINE         ? 'C3 H7 N O2'     89.093  
ARG 'L-peptide linking' y ARGININE        ? 'C6 H15 N4 O2 1' 175.209 
ASN 'L-peptide linking' y ASPARAGINE      ? 'C4 H8 N2 O3'    132.118 
ASP 'L-peptide linking' y 'ASPARTIC ACID' ? 'C4 H7 N O4'     133.103 
GLN 'L-peptide linking' y GLUTAMINE       ? 'C5 H10 N2 O3'   146.144 
GLU 'L-peptide linking' y 'GLUTAMIC ACID' ? 'C5 H9 N O4'     147.129 
GLY 'peptide linking'   y GLYCINE         ? 'C2 H5 N O2'     75.067  
HIS 'L-peptide linking' y HISTIDINE       ? 'C6 H10 N3 O2 1' 156.162 
HOH non-polymer         . WATER           ? 'H2 O'           18.015  
ILE 'L-peptide linking' y ISOLEUCINE      ? 'C6 H13 N O2'    131.173 
LEU 'L-peptide linking' y LEUCINE         ? 'C6 H13 N O2'    131.173 
LYS 'L-peptide linking' y LYSINE          ? 'C6 H15 N2 O2 1' 147.195 
MET 'L-peptide linking' y METHIONINE      ? 'C5 H11 N O2 S'  149.211 
PHE 'L-peptide linking' y PHENYLALANINE   ? 'C9 H11 N O2'    165.189 
PRO 'L-peptide linking' y PROLINE         ? 'C5 H9 N O2'     115.130 
SER 'L-peptide linking' y SERINE          ? 'C3 H7 N O3'     105.093 
THR 'L-peptide linking' y THREONINE       ? 'C4 H9 N O3'     119.119 
TYR 'L-peptide linking' y TYROSINE        ? 'C9 H11 N O3'    181.189 
VAL 'L-peptide linking' y VALINE          ? 'C5 H11 N O2'    117.146 
# 
_exptl.entry_id          1SIF 
_exptl.method            'X-RAY DIFFRACTION' 
_exptl.crystals_number   1 
# 
_exptl_crystal.id                    1 
_exptl_crystal.density_meas          ? 
_exptl_crystal.density_percent_sol   55.33 
_exptl_crystal.description           ? 
_exptl_crystal.density_Matthews      2.78 
_exptl_crystal.F_000                 ? 
_exptl_crystal.preparation           ? 
# 
_exptl_crystal_grow.crystal_id      1 
_exptl_crystal_grow.method          'VAPOR DIFFUSION, HANGING DROP' 
_exptl_crystal_grow.temp            288.0 
_exptl_crystal_grow.temp_details    ? 
_exptl_crystal_grow.pH              5.6 
_exptl_crystal_grow.pdbx_details    '31% Peg 4K, 0.05M citrate pH 5.6, VAPOR DIFFUSION, HANGING DROP, temperature 288.0K' 
_exptl_crystal_grow.pdbx_pH_range   . 
# 
_diffrn.id                     1 
_diffrn.ambient_temp           100 
_diffrn.ambient_temp_details   ? 
_diffrn.crystal_id             1 
# 
_diffrn_detector.diffrn_id              1 
_diffrn_detector.detector               'IMAGE PLATE' 
_diffrn_detector.type                   'RIGAKU RAXIS IV' 
_diffrn_detector.pdbx_collection_date   2002-06-27 
_diffrn_detector.details                mirrors 
# 
_diffrn_radiation.diffrn_id                        1 
_diffrn_radiation.wavelength_id                    1 
_diffrn_radiation.pdbx_monochromatic_or_laue_m_l   M 
_diffrn_radiation.monochromator                    1.5418 
_diffrn_radiation.pdbx_diffrn_protocol             'SINGLE WAVELENGTH' 
_diffrn_radiation.pdbx_scattering_type             x-ray 
# 
_diffrn_radiation_wavelength.id           1 
_diffrn_radiation_wavelength.wavelength   1.5418 
_diffrn_radiation_wavelength.wt           1.0 
# 
_diffrn_source.diffrn_id                   1 
_diffrn_source.source                      'ROTATING ANODE' 
_diffrn_source.type                        RIGAKU 
_diffrn_source.pdbx_synchrotron_site       ? 
_diffrn_source.pdbx_synchrotron_beamline   ? 
_diffrn_source.pdbx_wavelength             ? 
_diffrn_source.pdbx_wavelength_list        1.5418 
# 
_reflns.entry_id                     1SIF 
_reflns.observed_criterion_sigma_F   ? 
_reflns.observed_criterion_sigma_I   ? 
_reflns.d_resolution_high            2.18 
_reflns.d_resolution_low             41.2 
_reflns.number_all                   4810 
_reflns.number_obs                   4796 
_reflns.percent_possible_obs         99.8 
_reflns.pdbx_Rmerge_I_obs            0.052 
_reflns.pdbx_Rsym_value              ? 
_reflns.pdbx_netI_over_sigmaI        10.8 
_reflns.B_iso_Wilson_estimate        28.8 
_reflns.pdbx_redundancy              4.8 
_reflns.R_free_details               ? 
_reflns.limit_h_max                  ? 
_reflns.limit_h_min                  ? 
_reflns.limit_k_max                  ? 
_reflns.limit_k_min                  ? 
_reflns.limit_l_max                  ? 
_reflns.limit_l_min                  ? 
_reflns.observed_criterion_F_max     ? 
_reflns.observed_criterion_F_min     ? 
_reflns.pdbx_chi_squared             ? 
_reflns.pdbx_scaling_rejects         ? 
_reflns.pdbx_ordinal                 1 
_reflns.pdbx_diffrn_id               1 
# 
_reflns_shell.d_res_high             2.18 
_reflns_shell.d_res_low              2.30 
_reflns_shell.percent_possible_all   99.4 
_reflns_shell.Rmerge_I_obs           0.182 
_reflns_shell.pdbx_Rsym_value        ? 
_reflns_shell.meanI_over_sigI_obs    4.6 
_reflns_shell.pdbx_redundancy        4.7 
_reflns_shell.percent_possible_obs   ? 
_reflns_shell.number_unique_all      ? 
_reflns_shell.number_measured_all    ? 
_reflns_shell.number_measured_obs    ? 
_reflns_shell.number_unique_obs      ? 
_reflns_shell.pdbx_chi_squared       ? 
_reflns_shell.pdbx_ordinal           1 
_reflns_shell.pdbx_diffrn_id         1 
# 
_refine.entry_id                                 1SIF 
_refine.ls_number_reflns_obs                     4557 
_refine.ls_number_reflns_all                     ? 
_refine.pdbx_ls_sigma_I                          ? 
_refine.pdbx_ls_sigma_F                          ? 
_refine.pdbx_data_cutoff_high_absF               ? 
_refine.pdbx_data_cutoff_low_absF                ? 
_refine.pdbx_data_cutoff_high_rms_absF           ? 
_refine.ls_d_res_low                             14.00 
_refine.ls_d_res_high                            2.18 
_refine.ls_percent_reflns_obs                    99.83 
_refine.ls_R_factor_obs                          0.19586 
_refine.ls_R_factor_all                          0.19586 
_refine.ls_R_factor_R_work                       0.19333 
_refine.ls_R_factor_R_free                       0.24848 
_refine.ls_R_factor_R_free_error                 ? 
_refine.ls_R_factor_R_free_error_details         ? 
_refine.ls_percent_reflns_R_free                 4.5 
_refine.ls_number_reflns_R_free                  217 
_refine.ls_number_parameters                     ? 
_refine.ls_number_restraints                     ? 
_refine.occupancy_min                            ? 
_refine.occupancy_max                            ? 
_refine.correlation_coeff_Fo_to_Fc               0.942 
_refine.correlation_coeff_Fo_to_Fc_free          0.904 
_refine.B_iso_mean                               26.918 
_refine.aniso_B[1][1]                            -2.81 
_refine.aniso_B[2][2]                            -0.63 
_refine.aniso_B[3][3]                            3.43 
_refine.aniso_B[1][2]                            0.00 
_refine.aniso_B[1][3]                            0.00 
_refine.aniso_B[2][3]                            0.00 
_refine.solvent_model_details                    'BABINET MODEL WITH MASK' 
_refine.solvent_model_param_ksol                 ? 
_refine.solvent_model_param_bsol                 ? 
_refine.pdbx_solvent_vdw_probe_radii             1.40 
_refine.pdbx_solvent_ion_probe_radii             0.80 
_refine.pdbx_solvent_shrinkage_radii             0.80 
_refine.pdbx_ls_cross_valid_method               THROUGHOUT 
_refine.details                                  ? 
_refine.pdbx_starting_model                      1UBQ 
_refine.pdbx_method_to_determine_struct          'MOLECULAR REPLACEMENT' 
_refine.pdbx_isotropic_thermal_model             ? 
_refine.pdbx_stereochemistry_target_values       'MAXIMUM LIKELIHOOD' 
_refine.pdbx_stereochem_target_val_spec_case     ? 
_refine.pdbx_R_Free_selection_details            RANDOM 
_refine.pdbx_overall_ESU_R                       0.230 
_refine.pdbx_overall_ESU_R_Free                  0.201 
_refine.overall_SU_ML                            0.124 
_refine.overall_SU_B                             4.574 
_refine.ls_redundancy_reflns_obs                 ? 
_refine.B_iso_min                                ? 
_refine.B_iso_max                                ? 
_refine.overall_SU_R_Cruickshank_DPI             ? 
_refine.overall_SU_R_free                        ? 
_refine.ls_wR_factor_R_free                      ? 
_refine.ls_wR_factor_R_work                      ? 
_refine.overall_FOM_free_R_set                   ? 
_refine.overall_FOM_work_R_set                   ? 
_refine.pdbx_refine_id                           'X-RAY DIFFRACTION' 
_refine.pdbx_TLS_residual_ADP_flag               'LIKELY RESIDUAL' 
_refine.pdbx_diffrn_id                           1 
_refine.pdbx_overall_phase_error                 ? 
_refine.pdbx_overall_SU_R_free_Cruickshank_DPI   ? 
_refine.pdbx_overall_SU_R_Blow_DPI               ? 
_refine.pdbx_overall_SU_R_free_Blow_DPI          ? 
# 
_refine_hist.pdbx_refine_id                   'X-RAY DIFFRACTION' 
_refine_hist.cycle_id                         LAST 
_refine_hist.pdbx_number_atoms_protein        556 
_refine_hist.pdbx_number_atoms_nucleic_acid   0 
_refine_hist.pdbx_number_atoms_ligand         0 
_refine_hist.number_atoms_solvent             49 
_refine_hist.number_atoms_total               605 
_refine_hist.d_res_high                       2.18 
_refine_hist.d_res_low                        14.00 
# 
loop_
_refine_ls_restr.type 
_refine_ls_restr.dev_ideal 
_refine_ls_restr.dev_ideal_target 
_refine_ls_restr.weight 
_refine_ls_restr.number 
_refine_ls_restr.pdbx_refine_id 
_refine_ls_restr.pdbx_restraint_function 
r_bond_refined_d         0.023 0.022 ? 567 'X-RAY DIFFRACTION' ? 
r_angle_refined_deg      2.093 1.986 ? 767 'X-RAY DIFFRACTION' ? 
r_dihedral_angle_1_deg   8.671 5.000 ? 70  'X-RAY DIFFRACTION' ? 
r_chiral_restr           0.136 0.200 ? 94  'X-RAY DIFFRACTION' ? 
r_gen_planes_refined     0.008 0.020 ? 408 'X-RAY DIFFRACTION' ? 
r_nbd_refined            0.252 0.200 ? 238 'X-RAY DIFFRACTION' ? 
r_xyhbond_nbd_refined    0.205 0.200 ? 38  'X-RAY DIFFRACTION' ? 
r_symmetry_vdw_refined   0.206 0.200 ? 20  'X-RAY DIFFRACTION' ? 
r_symmetry_hbond_refined 0.208 0.200 ? 6   'X-RAY DIFFRACTION' ? 
r_mcbond_it              1.355 1.500 ? 354 'X-RAY DIFFRACTION' ? 
r_mcangle_it             2.330 2.000 ? 579 'X-RAY DIFFRACTION' ? 
r_scbond_it              3.448 3.000 ? 213 'X-RAY DIFFRACTION' ? 
r_scangle_it             5.710 4.500 ? 188 'X-RAY DIFFRACTION' ? 
# 
_refine_ls_shell.pdbx_total_number_of_bins_used   20 
_refine_ls_shell.d_res_high                       2.180 
_refine_ls_shell.d_res_low                        2.235 
_refine_ls_shell.number_reflns_R_work             328 
_refine_ls_shell.R_factor_R_work                  0.146 
_refine_ls_shell.percent_reflns_obs               ? 
_refine_ls_shell.R_factor_R_free                  0.218 
_refine_ls_shell.R_factor_R_free_error            ? 
_refine_ls_shell.percent_reflns_R_free            ? 
_refine_ls_shell.number_reflns_R_free             16 
_refine_ls_shell.number_reflns_obs                ? 
_refine_ls_shell.redundancy_reflns_obs            ? 
_refine_ls_shell.number_reflns_all                ? 
_refine_ls_shell.pdbx_refine_id                   'X-RAY DIFFRACTION' 
_refine_ls_shell.R_factor_all                     ? 
# 
_struct.entry_id                  1SIF 
_struct.title                     'Crystal structure of a multiple hydrophobic core mutant of ubiquitin' 
_struct.pdbx_model_details        ? 
_struct.pdbx_CASP_flag            ? 
_struct.pdbx_model_type_details   ? 
# 
_struct_keywords.entry_id        1SIF 
_struct_keywords.pdbx_keywords   'STRUCTURAL PROTEIN' 
_struct_keywords.text            'hydrophobic mutants, folding, stability, STRUCTURAL PROTEIN' 
# 
loop_
_struct_asym.id 
_struct_asym.pdbx_blank_PDB_chainid_flag 
_struct_asym.pdbx_modified 
_struct_asym.entity_id 
_struct_asym.details 
A N N 1 ? 
B N N 2 ? 
# 
_struct_biol.id   1 
# 
loop_
_struct_conf.conf_type_id 
_struct_conf.id 
_struct_conf.pdbx_PDB_helix_id 
_struct_conf.beg_label_comp_id 
_struct_conf.beg_label_asym_id 
_struct_conf.beg_label_seq_id 
_struct_conf.pdbx_beg_PDB_ins_code 
_struct_conf.end_label_comp_id 
_struct_conf.end_label_asym_id 
_struct_conf.end_label_seq_id 
_struct_conf.pdbx_end_PDB_ins_code 
_struct_conf.beg_auth_comp_id 
_struct_conf.beg_auth_asym_id 
_struct_conf.beg_auth_seq_id 
_struct_conf.end_auth_comp_id 
_struct_conf.end_auth_asym_id 
_struct_conf.end_auth_seq_id 
_struct_conf.pdbx_PDB_helix_class 
_struct_conf.details 
_struct_conf.pdbx_PDB_helix_length 
HELX_P HELX_P1 1 THR A 31 ? GLY A 44 ? THR A 22 GLY A 35 1 ? 14 
HELX_P HELX_P2 2 PRO A 46 ? GLN A 50 ? PRO A 37 GLN A 41 5 ? 5  
HELX_P HELX_P3 3 LEU A 65 ? ASN A 69 ? LEU A 56 ASN A 60 5 ? 5  
# 
_struct_conf_type.id          HELX_P 
_struct_conf_type.criteria    ? 
_struct_conf_type.reference   ? 
# 
_struct_sheet.id               A 
_struct_sheet.type             ? 
_struct_sheet.number_strands   5 
_struct_sheet.details          ? 
# 
loop_
_struct_sheet_order.sheet_id 
_struct_sheet_order.range_id_1 
_struct_sheet_order.range_id_2 
_struct_sheet_order.offset 
_struct_sheet_order.sense 
A 1 2 ? anti-parallel 
A 2 3 ? parallel      
A 3 4 ? anti-parallel 
A 4 5 ? anti-parallel 
# 
loop_
_struct_sheet_range.sheet_id 
_struct_sheet_range.id 
_struct_sheet_range.beg_label_comp_id 
_struct_sheet_range.beg_label_asym_id 
_struct_sheet_range.beg_label_seq_id 
_struct_sheet_range.pdbx_beg_PDB_ins_code 
_struct_sheet_range.end_label_comp_id 
_struct_sheet_range.end_label_asym_id 
_struct_sheet_range.end_label_seq_id 
_struct_sheet_range.pdbx_end_PDB_ins_code 
_struct_sheet_range.beg_auth_comp_id 
_struct_sheet_range.beg_auth_asym_id 
_struct_sheet_range.beg_auth_seq_id 
_struct_sheet_range.end_auth_comp_id 
_struct_sheet_range.end_auth_asym_id 
_struct_sheet_range.end_auth_seq_id 
A 1 THR A 21 ? GLU A 25 ? THR A 12 GLU A 16 
A 2 GLN A 11 ? THR A 16 ? GLN A 2  THR A 7  
A 3 THR A 75 ? VAL A 79 ? THR A 66 VAL A 70 
A 4 ARG A 51 ? PHE A 54 ? ARG A 42 PHE A 45 
A 5 LYS A 57 ? GLN A 58 ? LYS A 48 GLN A 49 
# 
loop_
_pdbx_struct_sheet_hbond.sheet_id 
_pdbx_struct_sheet_hbond.range_id_1 
_pdbx_struct_sheet_hbond.range_id_2 
_pdbx_struct_sheet_hbond.range_1_label_atom_id 
_pdbx_struct_sheet_hbond.range_1_label_comp_id 
_pdbx_struct_sheet_hbond.range_1_label_asym_id 
_pdbx_struct_sheet_hbond.range_1_label_seq_id 
_pdbx_struct_sheet_hbond.range_1_PDB_ins_code 
_pdbx_struct_sheet_hbond.range_1_auth_atom_id 
_pdbx_struct_sheet_hbond.range_1_auth_comp_id 
_pdbx_struct_sheet_hbond.range_1_auth_asym_id 
_pdbx_struct_sheet_hbond.range_1_auth_seq_id 
_pdbx_struct_sheet_hbond.range_2_label_atom_id 
_pdbx_struct_sheet_hbond.range_2_label_comp_id 
_pdbx_struct_sheet_hbond.range_2_label_asym_id 
_pdbx_struct_sheet_hbond.range_2_label_seq_id 
_pdbx_struct_sheet_hbond.range_2_PDB_ins_code 
_pdbx_struct_sheet_hbond.range_2_auth_atom_id 
_pdbx_struct_sheet_hbond.range_2_auth_comp_id 
_pdbx_struct_sheet_hbond.range_2_auth_asym_id 
_pdbx_struct_sheet_hbond.range_2_auth_seq_id 
A 1 2 O PHE A 22 ? O PHE A 13 N ILE A 14 ? N ILE A 5  
A 2 3 N LYS A 15 ? N LYS A 6  O LEU A 78 ? O LEU A 69 
A 3 4 O HIS A 77 ? O HIS A 68 N ILE A 53 ? N ILE A 44 
A 4 5 N PHE A 54 ? N PHE A 45 O LYS A 57 ? O LYS A 48 
# 
_atom_sites.entry_id                    1SIF 
_atom_sites.fract_transf_matrix[1][1]   0.01696132 
_atom_sites.fract_transf_matrix[1][2]   -0.00872302 
_atom_sites.fract_transf_matrix[1][3]   -0.00962736 
_atom_sites.fract_transf_matrix[2][1]   -0.00879271 
_atom_sites.fract_transf_matrix[2][2]   0.00295473 
_atom_sites.fract_transf_matrix[2][3]   -0.01816802 
_atom_sites.fract_transf_matrix[3][1]   0.00565422 
_atom_sites.fract_transf_matrix[3][2]   0.01188170 
_atom_sites.fract_transf_matrix[3][3]   -0.00080409 
_atom_sites.fract_transf_vector[1]      0.250435 
_atom_sites.fract_transf_vector[2]      0.433389 
_atom_sites.fract_transf_vector[3]      0.157798 
# 
loop_
_atom_type.symbol 
C 
N 
O 
S 
# 
loop_
_atom_site.group_PDB 
_atom_site.id 
_atom_site.type_symbol 
_atom_site.label_atom_id 
_atom_site.label_alt_id 
_atom_site.label_comp_id 
_atom_site.label_asym_id 
_atom_site.label_entity_id 
_atom_site.label_seq_id 
_atom_site.pdbx_PDB_ins_code 
_atom_site.Cartn_x 
_atom_site.Cartn_y 
_atom_site.Cartn_z 
_atom_site.occupancy 
_atom_site.B_iso_or_equiv 
_atom_site.pdbx_formal_charge 
_atom_site.auth_seq_id 
_atom_site.auth_comp_id 
_atom_site.auth_asym_id 
_atom_site.auth_atom_id 
_atom_site.pdbx_PDB_model_num 
ATOM   1   N N   . LEU A 1 10 ? 9.970   3.836   2.198   1.00 36.51 ? 1   LEU A N   1 
ATOM   2   C CA  . LEU A 1 10 ? 10.134  5.009   1.281   1.00 36.12 ? 1   LEU A CA  1 
ATOM   3   C C   . LEU A 1 10 ? 9.603   4.483   -0.055  1.00 35.38 ? 1   LEU A C   1 
ATOM   4   O O   . LEU A 1 10 ? 8.382   4.562   -0.266  1.00 35.01 ? 1   LEU A O   1 
ATOM   5   C CB  . LEU A 1 10 ? 11.582  5.526   1.199   1.00 36.55 ? 1   LEU A CB  1 
ATOM   6   C CG  . LEU A 1 10 ? 12.247  6.583   2.083   1.00 40.27 ? 1   LEU A CG  1 
ATOM   7   C CD1 . LEU A 1 10 ? 11.618  8.026   2.013   1.00 40.86 ? 1   LEU A CD1 1 
ATOM   8   C CD2 . LEU A 1 10 ? 12.354  6.088   3.528   1.00 43.62 ? 1   LEU A CD2 1 
ATOM   9   N N   . GLN A 1 11 ? 10.465  3.912   -0.925  1.00 33.85 ? 2   GLN A N   1 
ATOM   10  C CA  . GLN A 1 11 ? 9.998   3.282   -2.189  1.00 32.13 ? 2   GLN A CA  1 
ATOM   11  C C   . GLN A 1 11 ? 9.260   1.919   -1.951  1.00 30.20 ? 2   GLN A C   1 
ATOM   12  O O   . GLN A 1 11 ? 9.898   0.937   -1.562  1.00 29.41 ? 2   GLN A O   1 
ATOM   13  C CB  . GLN A 1 11 ? 11.180  3.114   -3.201  1.00 32.10 ? 2   GLN A CB  1 
ATOM   14  C CG  . GLN A 1 11 ? 10.828  2.298   -4.455  1.00 31.70 ? 2   GLN A CG  1 
ATOM   15  C CD  . GLN A 1 11 ? 11.719  2.543   -5.673  1.00 35.65 ? 2   GLN A CD  1 
ATOM   16  O OE1 . GLN A 1 11 ? 12.897  2.208   -5.655  1.00 38.65 ? 2   GLN A OE1 1 
ATOM   17  N NE2 . GLN A 1 11 ? 11.134  3.080   -6.756  1.00 39.09 ? 2   GLN A NE2 1 
ATOM   18  N N   . LEU A 1 12 ? 7.944   1.851   -2.196  1.00 27.86 ? 3   LEU A N   1 
ATOM   19  C CA  . LEU A 1 12 ? 7.172   0.582   -2.069  1.00 25.85 ? 3   LEU A CA  1 
ATOM   20  C C   . LEU A 1 12 ? 6.770   -0.012  -3.413  1.00 24.78 ? 3   LEU A C   1 
ATOM   21  O O   . LEU A 1 12 ? 6.423   0.708   -4.322  1.00 24.13 ? 3   LEU A O   1 
ATOM   22  C CB  . LEU A 1 12 ? 5.872   0.758   -1.254  1.00 27.12 ? 3   LEU A CB  1 
ATOM   23  C CG  . LEU A 1 12 ? 5.855   1.263   0.193   1.00 28.87 ? 3   LEU A CG  1 
ATOM   24  C CD1 . LEU A 1 12 ? 4.405   1.310   0.759   1.00 25.00 ? 3   LEU A CD1 1 
ATOM   25  C CD2 . LEU A 1 12 ? 6.725   0.266   1.000   1.00 29.20 ? 3   LEU A CD2 1 
ATOM   26  N N   . PHE A 1 13 ? 6.812   -1.326  -3.519  1.00 23.04 ? 4   PHE A N   1 
ATOM   27  C CA  . PHE A 1 13 ? 6.331   -2.022  -4.698  1.00 23.73 ? 4   PHE A CA  1 
ATOM   28  C C   . PHE A 1 13 ? 4.932   -2.481  -4.394  1.00 23.73 ? 4   PHE A C   1 
ATOM   29  O O   . PHE A 1 13 ? 4.716   -3.087  -3.355  1.00 25.34 ? 4   PHE A O   1 
ATOM   30  C CB  . PHE A 1 13 ? 7.271   -3.165  -5.065  1.00 21.15 ? 4   PHE A CB  1 
ATOM   31  C CG  . PHE A 1 13 ? 8.679   -2.678  -5.321  1.00 18.86 ? 4   PHE A CG  1 
ATOM   32  C CD1 . PHE A 1 13 ? 8.946   -1.815  -6.412  1.00 15.78 ? 4   PHE A CD1 1 
ATOM   33  C CD2 . PHE A 1 13 ? 9.728   -2.976  -4.427  1.00 19.44 ? 4   PHE A CD2 1 
ATOM   34  C CE1 . PHE A 1 13 ? 10.257  -1.296  -6.637  1.00 14.66 ? 4   PHE A CE1 1 
ATOM   35  C CE2 . PHE A 1 13 ? 11.024  -2.464  -4.647  1.00 16.39 ? 4   PHE A CE2 1 
ATOM   36  C CZ  . PHE A 1 13 ? 11.284  -1.646  -5.808  1.00 17.29 ? 4   PHE A CZ  1 
ATOM   37  N N   . ILE A 1 14 ? 3.976   -2.147  -5.253  1.00 23.26 ? 5   ILE A N   1 
ATOM   38  C CA  . ILE A 1 14 ? 2.608   -2.568  -5.033  1.00 24.19 ? 5   ILE A CA  1 
ATOM   39  C C   . ILE A 1 14 ? 2.353   -3.540  -6.191  1.00 25.29 ? 5   ILE A C   1 
ATOM   40  O O   . ILE A 1 14 ? 2.506   -3.161  -7.349  1.00 24.75 ? 5   ILE A O   1 
ATOM   41  C CB  . ILE A 1 14 ? 1.597   -1.385  -5.045  1.00 23.79 ? 5   ILE A CB  1 
ATOM   42  C CG1 . ILE A 1 14 ? 2.019   -0.227  -4.114  1.00 25.89 ? 5   ILE A CG1 1 
ATOM   43  C CG2 . ILE A 1 14 ? 0.112   -1.876  -4.792  1.00 23.87 ? 5   ILE A CG2 1 
ATOM   44  C CD1 . ILE A 1 14 ? 2.031   -0.576  -2.607  1.00 24.87 ? 5   ILE A CD1 1 
ATOM   45  N N   . LYS A 1 15 ? 1.986   -4.798  -5.876  1.00 25.64 ? 6   LYS A N   1 
ATOM   46  C CA  . LYS A 1 15 ? 1.721   -5.820  -6.919  1.00 25.91 ? 6   LYS A CA  1 
ATOM   47  C C   . LYS A 1 15 ? 0.244   -6.144  -6.939  1.00 26.59 ? 6   LYS A C   1 
ATOM   48  O O   . LYS A 1 15 ? -0.308  -6.436  -5.901  1.00 27.11 ? 6   LYS A O   1 
ATOM   49  C CB  . LYS A 1 15 ? 2.419   -7.142  -6.587  1.00 28.00 ? 6   LYS A CB  1 
ATOM   50  C CG  . LYS A 1 15 ? 3.828   -7.031  -6.157  1.00 30.74 ? 6   LYS A CG  1 
ATOM   51  N N   . THR A 1 16 ? -0.389  -6.096  -8.101  1.00 27.44 ? 7   THR A N   1 
ATOM   52  C CA  . THR A 1 16 ? -1.767  -6.508  -8.277  1.00 30.29 ? 7   THR A CA  1 
ATOM   53  C C   . THR A 1 16 ? -1.782  -7.967  -8.685  1.00 31.84 ? 7   THR A C   1 
ATOM   54  O O   . THR A 1 16 ? -0.731  -8.550  -8.985  1.00 32.16 ? 7   THR A O   1 
ATOM   55  C CB  . THR A 1 16 ? -2.488  -5.656  -9.397  1.00 30.18 ? 7   THR A CB  1 
ATOM   56  O OG1 . THR A 1 16 ? -1.924  -6.002  -10.677 1.00 30.47 ? 7   THR A OG1 1 
ATOM   57  C CG2 . THR A 1 16 ? -2.183  -4.174  -9.245  1.00 29.34 ? 7   THR A CG2 1 
ATOM   58  N N   . LEU A 1 17 ? -2.964  -8.587  -8.705  1.00 34.63 ? 8   LEU A N   1 
ATOM   59  C CA  . LEU A 1 17 ? -3.025  -10.008 -9.103  1.00 36.16 ? 8   LEU A CA  1 
ATOM   60  C C   . LEU A 1 17 ? -2.996  -10.169 -10.633 1.00 38.44 ? 8   LEU A C   1 
ATOM   61  O O   . LEU A 1 17 ? -2.770  -11.269 -11.170 1.00 38.50 ? 8   LEU A O   1 
ATOM   62  C CB  . LEU A 1 17 ? -4.239  -10.703 -8.462  1.00 36.85 ? 8   LEU A CB  1 
ATOM   63  C CG  . LEU A 1 17 ? -4.179  -10.923 -6.934  1.00 35.92 ? 8   LEU A CG  1 
ATOM   64  C CD1 . LEU A 1 17 ? -5.539  -11.217 -6.336  1.00 38.56 ? 8   LEU A CD1 1 
ATOM   65  C CD2 . LEU A 1 17 ? -3.226  -12.017 -6.567  1.00 34.67 ? 8   LEU A CD2 1 
ATOM   66  N N   . THR A 1 18 ? -3.194  -9.049  -11.337 1.00 40.03 ? 9   THR A N   1 
ATOM   67  C CA  . THR A 1 18 ? -3.193  -9.036  -12.814 1.00 40.81 ? 9   THR A CA  1 
ATOM   68  C C   . THR A 1 18 ? -1.741  -8.992  -13.353 1.00 40.36 ? 9   THR A C   1 
ATOM   69  O O   . THR A 1 18 ? -1.503  -8.920  -14.563 1.00 40.82 ? 9   THR A O   1 
ATOM   70  C CB  . THR A 1 18 ? -4.056  -7.841  -13.302 1.00 41.38 ? 9   THR A CB  1 
ATOM   71  O OG1 . THR A 1 18 ? -3.334  -6.616  -13.111 1.00 43.80 ? 9   THR A OG1 1 
ATOM   72  C CG2 . THR A 1 18 ? -5.249  -7.629  -12.346 1.00 40.27 ? 9   THR A CG2 1 
ATOM   73  N N   . GLY A 1 19 ? -0.783  -9.072  -12.432 1.00 39.43 ? 10  GLY A N   1 
ATOM   74  C CA  . GLY A 1 19 ? 0.636   -9.076  -12.754 1.00 38.60 ? 10  GLY A CA  1 
ATOM   75  C C   . GLY A 1 19 ? 1.297   -7.705  -12.935 1.00 36.61 ? 10  GLY A C   1 
ATOM   76  O O   . GLY A 1 19 ? 2.453   -7.626  -13.383 1.00 38.00 ? 10  GLY A O   1 
ATOM   77  N N   . LYS A 1 20 ? 0.568   -6.634  -12.638 1.00 34.35 ? 11  LYS A N   1 
ATOM   78  C CA  . LYS A 1 20 ? 1.111   -5.276  -12.714 1.00 31.16 ? 11  LYS A CA  1 
ATOM   79  C C   . LYS A 1 20 ? 1.817   -4.901  -11.406 1.00 29.19 ? 11  LYS A C   1 
ATOM   80  O O   . LYS A 1 20 ? 1.227   -5.017  -10.340 1.00 28.92 ? 11  LYS A O   1 
ATOM   81  C CB  . LYS A 1 20 ? 0.003   -4.248  -13.038 1.00 31.53 ? 11  LYS A CB  1 
ATOM   82  C CG  . LYS A 1 20 ? 0.444   -2.758  -12.959 1.00 32.80 ? 11  LYS A CG  1 
ATOM   83  C CD  . LYS A 1 20 ? -0.733  -1.684  -13.189 1.00 34.83 ? 11  LYS A CD  1 
ATOM   84  C CE  . LYS A 1 20 ? -0.202  -0.358  -13.778 0.50 33.07 ? 11  LYS A CE  1 
ATOM   85  N NZ  . LYS A 1 20 ? -1.148  0.436   -14.671 0.50 29.47 ? 11  LYS A NZ  1 
ATOM   86  N N   . THR A 1 21 ? 3.083   -4.489  -11.488 1.00 25.57 ? 12  THR A N   1 
ATOM   87  C CA  . THR A 1 21 ? 3.711   -3.786  -10.372 1.00 23.54 ? 12  THR A CA  1 
ATOM   88  C C   . THR A 1 21 ? 3.737   -2.311  -10.664 1.00 21.84 ? 12  THR A C   1 
ATOM   89  O O   . THR A 1 21 ? 3.969   -1.920  -11.790 1.00 20.13 ? 12  THR A O   1 
ATOM   90  C CB  . THR A 1 21 ? 5.172   -4.216  -10.186 1.00 23.61 ? 12  THR A CB  1 
ATOM   91  O OG1 . THR A 1 21 ? 5.230   -5.622  -10.230 1.00 23.23 ? 12  THR A OG1 1 
ATOM   92  C CG2 . THR A 1 21 ? 5.679   -3.861  -8.787  1.00 20.35 ? 12  THR A CG2 1 
ATOM   93  N N   . PHE A 1 22 ? 3.536   -1.510  -9.622  1.00 20.19 ? 13  PHE A N   1 
ATOM   94  C CA  . PHE A 1 22 ? 3.889   -0.114  -9.685  1.00 20.20 ? 13  PHE A CA  1 
ATOM   95  C C   . PHE A 1 22 ? 4.480   0.291   -8.337  1.00 21.29 ? 13  PHE A C   1 
ATOM   96  O O   . PHE A 1 22 ? 4.421   -0.445  -7.329  1.00 20.88 ? 13  PHE A O   1 
ATOM   97  C CB  . PHE A 1 22 ? 2.711   0.749   -10.061 1.00 18.92 ? 13  PHE A CB  1 
ATOM   98  C CG  . PHE A 1 22 ? 1.605   0.735   -9.040  1.00 20.81 ? 13  PHE A CG  1 
ATOM   99  C CD1 . PHE A 1 22 ? 0.619   -0.248  -9.086  1.00 19.36 ? 13  PHE A CD1 1 
ATOM   100 C CD2 . PHE A 1 22 ? 1.560   1.703   -8.011  1.00 18.92 ? 13  PHE A CD2 1 
ATOM   101 C CE1 . PHE A 1 22 ? -0.405  -0.250  -8.146  1.00 22.92 ? 13  PHE A CE1 1 
ATOM   102 C CE2 . PHE A 1 22 ? 0.522   1.718   -7.068  1.00 19.52 ? 13  PHE A CE2 1 
ATOM   103 C CZ  . PHE A 1 22 ? -0.469  0.727   -7.149  1.00 21.82 ? 13  PHE A CZ  1 
ATOM   104 N N   . THR A 1 23 ? 5.028   1.490   -8.309  1.00 21.71 ? 14  THR A N   1 
ATOM   105 C CA  . THR A 1 23 ? 5.770   1.916   -7.132  1.00 23.41 ? 14  THR A CA  1 
ATOM   106 C C   . THR A 1 23 ? 5.116   3.201   -6.573  1.00 22.47 ? 14  THR A C   1 
ATOM   107 O O   . THR A 1 23 ? 4.556   3.995   -7.365  1.00 22.80 ? 14  THR A O   1 
ATOM   108 C CB  . THR A 1 23 ? 7.243   2.083   -7.574  1.00 22.01 ? 14  THR A CB  1 
ATOM   109 O OG1 . THR A 1 23 ? 8.057   2.241   -6.434  1.00 29.79 ? 14  THR A OG1 1 
ATOM   110 C CG2 . THR A 1 23 ? 7.419   3.385   -8.286  1.00 21.08 ? 14  THR A CG2 1 
ATOM   111 N N   . VAL A 1 24 ? 5.074   3.346   -5.248  1.00 21.51 ? 15  VAL A N   1 
ATOM   112 C CA  . VAL A 1 24 ? 4.771   4.640   -4.613  1.00 23.38 ? 15  VAL A CA  1 
ATOM   113 C C   . VAL A 1 24 ? 5.872   4.987   -3.637  1.00 23.70 ? 15  VAL A C   1 
ATOM   114 O O   . VAL A 1 24 ? 6.443   4.076   -3.062  1.00 24.09 ? 15  VAL A O   1 
ATOM   115 C CB  . VAL A 1 24 ? 3.443   4.676   -3.748  1.00 22.78 ? 15  VAL A CB  1 
ATOM   116 C CG1 . VAL A 1 24 ? 2.232   5.044   -4.609  1.00 25.30 ? 15  VAL A CG1 1 
ATOM   117 C CG2 . VAL A 1 24 ? 3.256   3.373   -2.815  1.00 23.05 ? 15  VAL A CG2 1 
ATOM   118 N N   . GLU A 1 25 ? 6.068   6.272   -3.349  1.00 23.67 ? 16  GLU A N   1 
ATOM   119 C CA  . GLU A 1 25 ? 7.044   6.711   -2.313  1.00 25.84 ? 16  GLU A CA  1 
ATOM   120 C C   . GLU A 1 25 ? 6.266   7.112   -1.053  1.00 25.58 ? 16  GLU A C   1 
ATOM   121 O O   . GLU A 1 25 ? 5.352   7.912   -1.127  1.00 26.52 ? 16  GLU A O   1 
ATOM   122 C CB  . GLU A 1 25 ? 7.867   7.936   -2.788  1.00 25.90 ? 16  GLU A CB  1 
ATOM   123 C CG  . GLU A 1 25 ? 9.342   7.872   -2.379  0.50 29.33 ? 16  GLU A CG  1 
ATOM   124 C CD  . GLU A 1 25 ? 10.084  9.214   -2.378  0.50 32.87 ? 16  GLU A CD  1 
ATOM   125 O OE1 . GLU A 1 25 ? 9.779   10.116  -3.220  0.50 32.78 ? 16  GLU A OE1 1 
ATOM   126 O OE2 . GLU A 1 25 ? 11.019  9.348   -1.539  1.00 37.19 ? 16  GLU A OE2 1 
ATOM   127 N N   . MET A 1 26 ? 6.615   6.544   0.090   1.00 25.91 ? 17  MET A N   1 
ATOM   128 C CA  . MET A 1 26 ? 5.956   6.891   1.340   1.00 27.29 ? 17  MET A CA  1 
ATOM   129 C C   . MET A 1 26 ? 6.994   7.172   2.439   1.00 27.06 ? 17  MET A C   1 
ATOM   130 O O   . MET A 1 26 ? 8.180   6.961   2.225   1.00 28.35 ? 17  MET A O   1 
ATOM   131 C CB  . MET A 1 26 ? 5.019   5.739   1.744   1.00 27.50 ? 17  MET A CB  1 
ATOM   132 C CG  . MET A 1 26 ? 3.885   5.424   0.709   1.00 31.42 ? 17  MET A CG  1 
ATOM   133 S SD  . MET A 1 26 ? 2.732   6.793   0.359   1.00 35.70 ? 17  MET A SD  1 
ATOM   134 C CE  . MET A 1 26 ? 2.004   7.190   1.901   1.00 30.94 ? 17  MET A CE  1 
ATOM   135 N N   . GLU A 1 27 ? 6.566   7.678   3.587   1.00 26.11 ? 18  GLU A N   1 
ATOM   136 C CA  . GLU A 1 27 ? 7.372   7.670   4.806   1.00 25.70 ? 18  GLU A CA  1 
ATOM   137 C C   . GLU A 1 27 ? 6.786   6.619   5.754   1.00 23.75 ? 18  GLU A C   1 
ATOM   138 O O   . GLU A 1 27 ? 5.594   6.354   5.718   1.00 23.37 ? 18  GLU A O   1 
ATOM   139 C CB  . GLU A 1 27 ? 7.340   9.031   5.509   1.00 25.89 ? 18  GLU A CB  1 
ATOM   140 C CG  . GLU A 1 27 ? 8.064   10.104  4.732   1.00 31.97 ? 18  GLU A CG  1 
ATOM   141 C CD  . GLU A 1 27 ? 8.278   11.359  5.519   1.00 41.29 ? 18  GLU A CD  1 
ATOM   142 O OE1 . GLU A 1 27 ? 7.299   11.922  6.102   1.00 44.66 ? 18  GLU A OE1 1 
ATOM   143 O OE2 . GLU A 1 27 ? 9.453   11.789  5.545   1.00 46.39 ? 18  GLU A OE2 1 
ATOM   144 N N   . PRO A 1 28 ? 7.585   6.040   6.635   1.00 22.63 ? 19  PRO A N   1 
ATOM   145 C CA  . PRO A 1 28 ? 7.054   5.040   7.591   1.00 21.95 ? 19  PRO A CA  1 
ATOM   146 C C   . PRO A 1 28 ? 6.012   5.621   8.576   1.00 21.52 ? 19  PRO A C   1 
ATOM   147 O O   . PRO A 1 28 ? 5.132   4.855   9.014   1.00 20.80 ? 19  PRO A O   1 
ATOM   148 C CB  . PRO A 1 28 ? 8.307   4.619   8.376   1.00 22.83 ? 19  PRO A CB  1 
ATOM   149 C CG  . PRO A 1 28 ? 9.410   5.152   7.653   1.00 21.41 ? 19  PRO A CG  1 
ATOM   150 C CD  . PRO A 1 28 ? 9.002   6.323   6.870   1.00 21.85 ? 19  PRO A CD  1 
ATOM   151 N N   . SER A 1 29 ? 6.055   6.939   8.878   1.00 21.45 ? 20  SER A N   1 
ATOM   152 C CA  . SER A 1 29 ? 4.965   7.576   9.693   1.00 21.04 ? 20  SER A CA  1 
ATOM   153 C C   . SER A 1 29 ? 3.609   7.872   8.968   1.00 23.05 ? 20  SER A C   1 
ATOM   154 O O   . SER A 1 29 ? 2.677   8.324   9.627   1.00 23.33 ? 20  SER A O   1 
ATOM   155 C CB  . SER A 1 29 ? 5.447   8.840   10.379  1.00 21.72 ? 20  SER A CB  1 
ATOM   156 O OG  . SER A 1 29 ? 5.953   9.724   9.419   1.00 21.58 ? 20  SER A OG  1 
ATOM   157 N N   . ASP A 1 30 ? 3.515   7.621   7.646   1.00 21.33 ? 21  ASP A N   1 
ATOM   158 C CA  . ASP A 1 30 ? 2.270   7.810   6.880   1.00 22.45 ? 21  ASP A CA  1 
ATOM   159 C C   . ASP A 1 30 ? 1.271   6.791   7.319   1.00 22.28 ? 21  ASP A C   1 
ATOM   160 O O   . ASP A 1 30 ? 1.640   5.676   7.655   1.00 20.43 ? 21  ASP A O   1 
ATOM   161 C CB  . ASP A 1 30 ? 2.542   7.557   5.366   1.00 21.09 ? 21  ASP A CB  1 
ATOM   162 C CG  . ASP A 1 30 ? 3.318   8.742   4.735   1.00 26.57 ? 21  ASP A CG  1 
ATOM   163 O OD1 . ASP A 1 30 ? 3.354   9.844   5.358   1.00 29.80 ? 21  ASP A OD1 1 
ATOM   164 O OD2 . ASP A 1 30 ? 3.937   8.691   3.668   1.00 30.31 ? 21  ASP A OD2 1 
ATOM   165 N N   . THR A 1 31 ? 0.004   7.117   7.204   1.00 21.40 ? 22  THR A N   1 
ATOM   166 C CA  . THR A 1 31 ? -1.027  6.179   7.612   1.00 19.90 ? 22  THR A CA  1 
ATOM   167 C C   . THR A 1 31 ? -1.391  5.336   6.454   1.00 21.12 ? 22  THR A C   1 
ATOM   168 O O   . THR A 1 31 ? -1.083  5.690   5.304   1.00 21.94 ? 22  THR A O   1 
ATOM   169 C CB  . THR A 1 31 ? -2.288  6.923   8.044   1.00 19.92 ? 22  THR A CB  1 
ATOM   170 O OG1 . THR A 1 31 ? -2.660  7.783   6.980   1.00 18.40 ? 22  THR A OG1 1 
ATOM   171 C CG2 . THR A 1 31 ? -2.054  7.879   9.234   1.00 18.16 ? 22  THR A CG2 1 
ATOM   172 N N   . ILE A 1 32 ? -2.096  4.248   6.730   1.00 20.12 ? 23  ILE A N   1 
ATOM   173 C CA  . ILE A 1 32 ? -2.561  3.371   5.651   1.00 21.04 ? 23  ILE A CA  1 
ATOM   174 C C   . ILE A 1 32 ? -3.530  4.116   4.697   1.00 20.62 ? 23  ILE A C   1 
ATOM   175 O O   . ILE A 1 32 ? -3.484  3.938   3.455   1.00 18.97 ? 23  ILE A O   1 
ATOM   176 C CB  . ILE A 1 32 ? -3.184  2.084   6.229   1.00 21.49 ? 23  ILE A CB  1 
ATOM   177 C CG1 . ILE A 1 32 ? -2.147  1.209   6.950   1.00 21.32 ? 23  ILE A CG1 1 
ATOM   178 C CG2 . ILE A 1 32 ? -3.944  1.225   5.140   1.00 22.68 ? 23  ILE A CG2 1 
ATOM   179 C CD1 . ILE A 1 32 ? -0.882  0.990   6.201   1.00 21.94 ? 23  ILE A CD1 1 
ATOM   180 N N   . GLU A 1 33 ? -4.352  4.996   5.266   1.00 20.59 ? 24  GLU A N   1 
ATOM   181 C CA  . GLU A 1 33 ? -5.364  5.700   4.443   1.00 21.04 ? 24  GLU A CA  1 
ATOM   182 C C   . GLU A 1 33 ? -4.653  6.699   3.501   1.00 21.43 ? 24  GLU A C   1 
ATOM   183 O O   . GLU A 1 33 ? -5.084  6.976   2.393   1.00 20.42 ? 24  GLU A O   1 
ATOM   184 C CB  . GLU A 1 33 ? -6.486  6.313   5.287   1.00 20.17 ? 24  GLU A CB  1 
ATOM   185 C CG  . GLU A 1 33 ? -6.142  7.342   6.359   1.00 22.69 ? 24  GLU A CG  1 
ATOM   186 C CD  . GLU A 1 33 ? -5.794  6.714   7.722   1.00 23.69 ? 24  GLU A CD  1 
ATOM   187 O OE1 . GLU A 1 33 ? -5.482  5.524   7.826   1.00 25.09 ? 24  GLU A OE1 1 
ATOM   188 O OE2 . GLU A 1 33 ? -5.785  7.424   8.733   1.00 25.29 ? 24  GLU A OE2 1 
ATOM   189 N N   . ASN A 1 34 ? -3.498  7.161   3.939   1.00 22.45 ? 25  ASN A N   1 
ATOM   190 C CA  . ASN A 1 34 ? -2.695  8.030   3.124   1.00 24.02 ? 25  ASN A CA  1 
ATOM   191 C C   . ASN A 1 34 ? -1.999  7.232   2.048   1.00 22.23 ? 25  ASN A C   1 
ATOM   192 O O   . ASN A 1 34 ? -1.964  7.664   0.928   1.00 21.81 ? 25  ASN A O   1 
ATOM   193 C CB  . ASN A 1 34 ? -1.683  8.781   4.016   1.00 26.02 ? 25  ASN A CB  1 
ATOM   194 C CG  . ASN A 1 34 ? -0.768  9.716   3.202   1.00 35.87 ? 25  ASN A CG  1 
ATOM   195 O OD1 . ASN A 1 34 ? -1.022  10.922  3.065   1.00 44.06 ? 25  ASN A OD1 1 
ATOM   196 N ND2 . ASN A 1 34 ? 0.303   9.152   2.657   1.00 44.67 ? 25  ASN A ND2 1 
ATOM   197 N N   . LEU A 1 35 ? -1.527  6.027   2.347   1.00 21.07 ? 26  LEU A N   1 
ATOM   198 C CA  . LEU A 1 35 ? -1.066  5.130   1.268   1.00 20.75 ? 26  LEU A CA  1 
ATOM   199 C C   . LEU A 1 35 ? -2.121  4.874   0.170   1.00 21.62 ? 26  LEU A C   1 
ATOM   200 O O   . LEU A 1 35 ? -1.868  4.971   -1.068  1.00 23.18 ? 26  LEU A O   1 
ATOM   201 C CB  . LEU A 1 35 ? -0.565  3.789   1.874   1.00 18.86 ? 26  LEU A CB  1 
ATOM   202 C CG  . LEU A 1 35 ? -0.265  2.678   0.867   1.00 19.46 ? 26  LEU A CG  1 
ATOM   203 C CD1 . LEU A 1 35 ? 0.839   3.194   -0.122  1.00 18.80 ? 26  LEU A CD1 1 
ATOM   204 C CD2 . LEU A 1 35 ? 0.217   1.409   1.626   1.00 19.65 ? 26  LEU A CD2 1 
ATOM   205 N N   . LYS A 1 36 ? -3.336  4.606   0.619   1.00 20.90 ? 27  LYS A N   1 
ATOM   206 C CA  . LYS A 1 36 ? -4.414  4.395   -0.306  1.00 20.89 ? 27  LYS A CA  1 
ATOM   207 C C   . LYS A 1 36 ? -4.719  5.645   -1.120  1.00 18.65 ? 27  LYS A C   1 
ATOM   208 O O   . LYS A 1 36 ? -5.059  5.510   -2.297  1.00 19.35 ? 27  LYS A O   1 
ATOM   209 C CB  . LYS A 1 36 ? -5.696  3.879   0.382   1.00 18.98 ? 27  LYS A CB  1 
ATOM   210 C CG  . LYS A 1 36 ? -5.532  2.553   1.062   1.00 21.27 ? 27  LYS A CG  1 
ATOM   211 C CD  . LYS A 1 36 ? -6.842  2.147   1.777   1.00 19.39 ? 27  LYS A CD  1 
ATOM   212 C CE  . LYS A 1 36 ? -6.771  0.712   2.489   1.00 18.19 ? 27  LYS A CE  1 
ATOM   213 N NZ  . LYS A 1 36 ? -7.937  0.742   3.490   1.00 19.34 ? 27  LYS A NZ  1 
ATOM   214 N N   . ALA A 1 37 ? -4.675  6.844   -0.523  1.00 18.76 ? 28  ALA A N   1 
ATOM   215 C CA  . ALA A 1 37 ? -4.890  8.082   -1.333  1.00 17.91 ? 28  ALA A CA  1 
ATOM   216 C C   . ALA A 1 37 ? -3.778  8.271   -2.407  1.00 19.33 ? 28  ALA A C   1 
ATOM   217 O O   . ALA A 1 37 ? -4.047  8.818   -3.494  1.00 22.43 ? 28  ALA A O   1 
ATOM   218 C CB  . ALA A 1 37 ? -4.999  9.377   -0.437  1.00 19.45 ? 28  ALA A CB  1 
ATOM   219 N N   . LYS A 1 38 ? -2.537  7.888   -2.109  1.00 18.56 ? 29  LYS A N   1 
ATOM   220 C CA  . LYS A 1 38 ? -1.480  7.898   -3.120  1.00 20.94 ? 29  LYS A CA  1 
ATOM   221 C C   . LYS A 1 38 ? -1.719  6.880   -4.212  1.00 19.94 ? 29  LYS A C   1 
ATOM   222 O O   . LYS A 1 38 ? -1.457  7.194   -5.337  1.00 19.15 ? 29  LYS A O   1 
ATOM   223 C CB  . LYS A 1 38 ? -0.106  7.574   -2.541  1.00 21.01 ? 29  LYS A CB  1 
ATOM   224 C CG  . LYS A 1 38 ? 0.540   8.743   -1.875  1.00 29.07 ? 29  LYS A CG  1 
ATOM   225 N N   . ILE A 1 39 ? -2.211  5.676   -3.868  1.00 19.12 ? 30  ILE A N   1 
ATOM   226 C CA  . ILE A 1 39 ? -2.480  4.660   -4.887  1.00 19.36 ? 30  ILE A CA  1 
ATOM   227 C C   . ILE A 1 39 ? -3.614  5.195   -5.734  1.00 18.26 ? 30  ILE A C   1 
ATOM   228 O O   . ILE A 1 39 ? -3.585  5.016   -6.938  1.00 18.92 ? 30  ILE A O   1 
ATOM   229 C CB  A ILE A 1 39 ? -2.867  3.281   -4.264  0.50 19.20 ? 30  ILE A CB  1 
ATOM   230 C CB  B ILE A 1 39 ? -2.787  3.265   -4.267  0.50 17.63 ? 30  ILE A CB  1 
ATOM   231 C CG1 A ILE A 1 39 ? -1.723  2.652   -3.469  0.50 21.02 ? 30  ILE A CG1 1 
ATOM   232 C CG1 B ILE A 1 39 ? -1.510  2.643   -3.708  0.50 16.24 ? 30  ILE A CG1 1 
ATOM   233 C CG2 A ILE A 1 39 ? -3.439  2.291   -5.308  0.50 19.98 ? 30  ILE A CG2 1 
ATOM   234 C CG2 B ILE A 1 39 ? -3.532  2.320   -5.259  0.50 18.79 ? 30  ILE A CG2 1 
ATOM   235 C CD1 A ILE A 1 39 ? -0.400  3.289   -3.682  0.50 27.68 ? 30  ILE A CD1 1 
ATOM   236 C CD1 B ILE A 1 39 ? -1.694  1.383   -2.827  0.50 5.82  ? 30  ILE A CD1 1 
ATOM   237 N N   . GLN A 1 40 ? -4.612  5.835   -5.121  1.00 19.61 ? 31  GLN A N   1 
ATOM   238 C CA  . GLN A 1 40 ? -5.712  6.442   -5.951  1.00 19.03 ? 31  GLN A CA  1 
ATOM   239 C C   . GLN A 1 40 ? -5.117  7.475   -6.948  1.00 19.85 ? 31  GLN A C   1 
ATOM   240 O O   . GLN A 1 40 ? -5.487  7.497   -8.121  1.00 18.31 ? 31  GLN A O   1 
ATOM   241 C CB  . GLN A 1 40 ? -6.782  7.148   -5.117  1.00 18.25 ? 31  GLN A CB  1 
ATOM   242 C CG  . GLN A 1 40 ? -7.969  7.699   -6.010  1.00 19.65 ? 31  GLN A CG  1 
ATOM   243 C CD  . GLN A 1 40 ? -9.118  8.188   -5.185  1.00 24.23 ? 31  GLN A CD  1 
ATOM   244 O OE1 . GLN A 1 40 ? -8.912  8.551   -4.048  1.00 25.45 ? 31  GLN A OE1 1 
ATOM   245 N NE2 . GLN A 1 40 ? -10.321 8.160   -5.726  1.00 23.37 ? 31  GLN A NE2 1 
ATOM   246 N N   . ASP A 1 41 ? -4.215  8.331   -6.442  1.00 20.75 ? 32  ASP A N   1 
ATOM   247 C CA  . ASP A 1 41 ? -3.594  9.406   -7.234  1.00 23.29 ? 32  ASP A CA  1 
ATOM   248 C C   . ASP A 1 41 ? -2.833  8.794   -8.383  1.00 23.65 ? 32  ASP A C   1 
ATOM   249 O O   . ASP A 1 41 ? -2.852  9.317   -9.490  1.00 24.80 ? 32  ASP A O   1 
ATOM   250 C CB  . ASP A 1 41 ? -2.509  10.125  -6.429  1.00 23.81 ? 32  ASP A CB  1 
ATOM   251 C CG  . ASP A 1 41 ? -3.064  11.072  -5.443  1.00 25.38 ? 32  ASP A CG  1 
ATOM   252 O OD1 . ASP A 1 41 ? -4.291  11.356  -5.548  1.00 23.84 ? 32  ASP A OD1 1 
ATOM   253 O OD2 . ASP A 1 41 ? -2.313  11.574  -4.552  1.00 31.03 ? 32  ASP A OD2 1 
ATOM   254 N N   . LYS A 1 42 ? -2.157  7.698   -8.068  1.00 23.60 ? 33  LYS A N   1 
ATOM   255 C CA  . LYS A 1 42 ? -1.228  7.033   -8.978  1.00 23.89 ? 33  LYS A CA  1 
ATOM   256 C C   . LYS A 1 42 ? -1.942  6.214   -10.048 1.00 22.41 ? 33  LYS A C   1 
ATOM   257 O O   . LYS A 1 42 ? -1.617  6.304   -11.249 1.00 23.07 ? 33  LYS A O   1 
ATOM   258 C CB  . LYS A 1 42 ? -0.188  6.265   -8.137  1.00 23.52 ? 33  LYS A CB  1 
ATOM   259 C CG  . LYS A 1 42 ? 0.759   5.351   -8.872  1.00 28.79 ? 33  LYS A CG  1 
ATOM   260 C CD  . LYS A 1 42 ? 2.074   6.076   -9.208  1.00 37.81 ? 33  LYS A CD  1 
ATOM   261 C CE  . LYS A 1 42 ? 3.025   5.159   -9.974  1.00 39.86 ? 33  LYS A CE  1 
ATOM   262 N NZ  . LYS A 1 42 ? 4.341   5.844   -10.226 1.00 44.27 ? 33  LYS A NZ  1 
ATOM   263 N N   . GLU A 1 43 ? -2.941  5.452   -9.620  1.00 21.90 ? 34  GLU A N   1 
ATOM   264 C CA  . GLU A 1 43 ? -3.554  4.402   -10.414 1.00 21.26 ? 34  GLU A CA  1 
ATOM   265 C C   . GLU A 1 43 ? -5.065  4.567   -10.574 1.00 21.73 ? 34  GLU A C   1 
ATOM   266 O O   . GLU A 1 43 ? -5.665  3.848   -11.356 1.00 22.89 ? 34  GLU A O   1 
ATOM   267 C CB  . GLU A 1 43 ? -3.288  3.021   -9.784  1.00 22.01 ? 34  GLU A CB  1 
ATOM   268 C CG  . GLU A 1 43 ? -1.838  2.552   -9.826  1.00 24.88 ? 34  GLU A CG  1 
ATOM   269 C CD  . GLU A 1 43 ? -1.273  2.403   -11.221 1.00 23.94 ? 34  GLU A CD  1 
ATOM   270 O OE1 . GLU A 1 43 ? -2.000  2.009   -12.155 1.00 26.23 ? 34  GLU A OE1 1 
ATOM   271 O OE2 . GLU A 1 43 ? -0.077  2.637   -11.366 1.00 27.99 ? 34  GLU A OE2 1 
ATOM   272 N N   . GLY A 1 44 ? -5.700  5.488   -9.866  1.00 20.52 ? 35  GLY A N   1 
ATOM   273 C CA  . GLY A 1 44 ? -7.117  5.765   -10.140 1.00 21.37 ? 35  GLY A CA  1 
ATOM   274 C C   . GLY A 1 44 ? -8.043  4.847   -9.352  1.00 22.29 ? 35  GLY A C   1 
ATOM   275 O O   . GLY A 1 44 ? -9.245  4.938   -9.511  1.00 24.28 ? 35  GLY A O   1 
ATOM   276 N N   . ILE A 1 45 ? -7.507  3.977   -8.497  1.00 20.75 ? 36  ILE A N   1 
ATOM   277 C CA  . ILE A 1 45 ? -8.367  3.018   -7.782  1.00 22.59 ? 36  ILE A CA  1 
ATOM   278 C C   . ILE A 1 45 ? -8.879  3.687   -6.497  1.00 20.01 ? 36  ILE A C   1 
ATOM   279 O O   . ILE A 1 45 ? -8.074  4.075   -5.671  1.00 20.00 ? 36  ILE A O   1 
ATOM   280 C CB  . ILE A 1 45 ? -7.555  1.688   -7.444  1.00 23.96 ? 36  ILE A CB  1 
ATOM   281 C CG1 . ILE A 1 45 ? -7.052  1.051   -8.745  1.00 27.69 ? 36  ILE A CG1 1 
ATOM   282 C CG2 . ILE A 1 45 ? -8.452  0.679   -6.673  1.00 21.85 ? 36  ILE A CG2 1 
ATOM   283 C CD1 . ILE A 1 45 ? -5.779  0.231   -8.571  1.00 30.24 ? 36  ILE A CD1 1 
ATOM   284 N N   . PRO A 1 46 ? -10.193 3.826   -6.337  1.00 19.09 ? 37  PRO A N   1 
ATOM   285 C CA  . PRO A 1 46 ? -10.742 4.493   -5.136  1.00 17.99 ? 37  PRO A CA  1 
ATOM   286 C C   . PRO A 1 46 ? -10.361 3.674   -3.884  1.00 17.94 ? 37  PRO A C   1 
ATOM   287 O O   . PRO A 1 46 ? -10.172 2.477   -4.013  1.00 17.75 ? 37  PRO A O   1 
ATOM   288 C CB  . PRO A 1 46 ? -12.247 4.501   -5.381  1.00 18.77 ? 37  PRO A CB  1 
ATOM   289 C CG  . PRO A 1 46 ? -12.380 4.329   -6.973  1.00 17.83 ? 37  PRO A CG  1 
ATOM   290 C CD  . PRO A 1 46 ? -11.247 3.382   -7.285  1.00 18.47 ? 37  PRO A CD  1 
ATOM   291 N N   . PRO A 1 47 ? -10.191 4.321   -2.730  1.00 16.06 ? 38  PRO A N   1 
ATOM   292 C CA  . PRO A 1 47 ? -9.649  3.669   -1.527  1.00 18.13 ? 38  PRO A CA  1 
ATOM   293 C C   . PRO A 1 47 ? -10.481 2.491   -1.016  1.00 16.86 ? 38  PRO A C   1 
ATOM   294 O O   . PRO A 1 47 ? -9.928  1.509   -0.561  1.00 19.70 ? 38  PRO A O   1 
ATOM   295 C CB  . PRO A 1 47 ? -9.635  4.840   -0.476  1.00 14.88 ? 38  PRO A CB  1 
ATOM   296 C CG  . PRO A 1 47 ? -9.412  6.073   -1.433  1.00 14.85 ? 38  PRO A CG  1 
ATOM   297 C CD  . PRO A 1 47 ? -10.421 5.758   -2.514  1.00 16.66 ? 38  PRO A CD  1 
ATOM   298 N N   . ASP A 1 48 ? -11.786 2.570   -1.144  1.00 19.21 ? 39  ASP A N   1 
ATOM   299 C CA  . ASP A 1 48 ? -12.634 1.448   -0.715  1.00 20.16 ? 39  ASP A CA  1 
ATOM   300 C C   . ASP A 1 48 ? -12.621 0.217   -1.674  1.00 21.90 ? 39  ASP A C   1 
ATOM   301 O O   . ASP A 1 48 ? -13.233 -0.793  -1.378  1.00 21.64 ? 39  ASP A O   1 
ATOM   302 C CB  . ASP A 1 48 ? -14.036 1.925   -0.333  1.00 18.96 ? 39  ASP A CB  1 
ATOM   303 C CG  . ASP A 1 48 ? -14.864 2.325   -1.535  1.00 20.43 ? 39  ASP A CG  1 
ATOM   304 O OD1 . ASP A 1 48 ? -14.396 2.226   -2.685  1.00 23.61 ? 39  ASP A OD1 1 
ATOM   305 O OD2 . ASP A 1 48 ? -16.022 2.766   -1.430  1.00 20.55 ? 39  ASP A OD2 1 
ATOM   306 N N   . GLN A 1 49 ? -11.913 0.291   -2.796  1.00 22.41 ? 40  GLN A N   1 
ATOM   307 C CA  . GLN A 1 49 ? -11.773 -0.902  -3.611  1.00 24.73 ? 40  GLN A CA  1 
ATOM   308 C C   . GLN A 1 49 ? -10.359 -1.480  -3.382  1.00 25.47 ? 40  GLN A C   1 
ATOM   309 O O   . GLN A 1 49 ? -10.005 -2.459  -4.024  1.00 26.03 ? 40  GLN A O   1 
ATOM   310 C CB  . GLN A 1 49 ? -11.999 -0.591  -5.120  1.00 24.69 ? 40  GLN A CB  1 
ATOM   311 C CG  . GLN A 1 49 ? -13.416 -0.099  -5.479  1.00 27.59 ? 40  GLN A CG  1 
ATOM   312 C CD  . GLN A 1 49 ? -13.584 0.305   -6.946  1.00 32.02 ? 40  GLN A CD  1 
ATOM   313 O OE1 . GLN A 1 49 ? -14.356 1.236   -7.279  1.00 38.83 ? 40  GLN A OE1 1 
ATOM   314 N NE2 . GLN A 1 49 ? -12.887 -0.370  -7.817  1.00 33.69 ? 40  GLN A NE2 1 
ATOM   315 N N   . GLN A 1 50 ? -9.559  -0.849  -2.512  1.00 24.28 ? 41  GLN A N   1 
ATOM   316 C CA  . GLN A 1 50 ? -8.169  -1.279  -2.307  1.00 24.54 ? 41  GLN A CA  1 
ATOM   317 C C   . GLN A 1 50 ? -8.126  -2.166  -1.089  1.00 24.99 ? 41  GLN A C   1 
ATOM   318 O O   . GLN A 1 50 ? -8.557  -1.747  -0.015  1.00 25.12 ? 41  GLN A O   1 
ATOM   319 C CB  . GLN A 1 50 ? -7.220  -0.086  -2.040  1.00 24.25 ? 41  GLN A CB  1 
ATOM   320 C CG  . GLN A 1 50 ? -7.187  0.904   -3.135  1.00 20.37 ? 41  GLN A CG  1 
ATOM   321 C CD  . GLN A 1 50 ? -6.213  2.017   -2.874  1.00 20.83 ? 41  GLN A CD  1 
ATOM   322 O OE1 . GLN A 1 50 ? -5.180  1.832   -2.228  1.00 20.58 ? 41  GLN A OE1 1 
ATOM   323 N NE2 . GLN A 1 50 ? -6.561  3.207   -3.352  1.00 16.83 ? 41  GLN A NE2 1 
ATOM   324 N N   . ARG A 1 51 ? -7.658  -3.408  -1.251  1.00 24.19 ? 42  ARG A N   1 
ATOM   325 C CA  . ARG A 1 51 ? -7.271  -4.165  -0.076  1.00 24.69 ? 42  ARG A CA  1 
ATOM   326 C C   . ARG A 1 51 ? -5.793  -4.416  -0.138  1.00 23.26 ? 42  ARG A C   1 
ATOM   327 O O   . ARG A 1 51 ? -5.324  -5.078  -1.047  1.00 25.23 ? 42  ARG A O   1 
ATOM   328 C CB  . ARG A 1 51 ? -8.041  -5.476  0.043   1.00 24.80 ? 42  ARG A CB  1 
ATOM   329 C CG  . ARG A 1 51 ? -9.380  -5.247  0.747   1.00 33.70 ? 42  ARG A CG  1 
ATOM   330 C CD  . ARG A 1 51 ? -10.549 -4.985  -0.171  1.00 42.61 ? 42  ARG A CD  1 
ATOM   331 N NE  . ARG A 1 51 ? -10.961 -6.224  -0.852  1.00 52.39 ? 42  ARG A NE  1 
ATOM   332 C CZ  . ARG A 1 51 ? -10.999 -6.356  -2.174  1.00 54.35 ? 42  ARG A CZ  1 
ATOM   333 N NH1 . ARG A 1 51 ? -10.645 -5.319  -2.951  1.00 56.25 ? 42  ARG A NH1 1 
ATOM   334 N NH2 . ARG A 1 51 ? -11.377 -7.510  -2.712  1.00 52.77 ? 42  ARG A NH2 1 
ATOM   335 N N   . LEU A 1 52 ? -5.079  -3.991  0.878   1.00 22.22 ? 43  LEU A N   1 
ATOM   336 C CA  . LEU A 1 52 ? -3.620  -4.106  0.837   1.00 22.70 ? 43  LEU A CA  1 
ATOM   337 C C   . LEU A 1 52 ? -3.141  -5.108  1.831   1.00 22.31 ? 43  LEU A C   1 
ATOM   338 O O   . LEU A 1 52 ? -3.513  -5.062  2.999   1.00 22.92 ? 43  LEU A O   1 
ATOM   339 C CB  . LEU A 1 52 ? -2.936  -2.773  1.120   1.00 22.24 ? 43  LEU A CB  1 
ATOM   340 C CG  . LEU A 1 52 ? -3.268  -1.653  0.111   1.00 24.71 ? 43  LEU A CG  1 
ATOM   341 C CD1 . LEU A 1 52 ? -3.125  -0.203  0.729   1.00 23.13 ? 43  LEU A CD1 1 
ATOM   342 C CD2 . LEU A 1 52 ? -2.363  -1.830  -1.053  1.00 22.07 ? 43  LEU A CD2 1 
ATOM   343 N N   . ILE A 1 53 ? -2.310  -6.011  1.366   1.00 22.28 ? 44  ILE A N   1 
ATOM   344 C CA  . ILE A 1 53 ? -1.832  -7.134  2.183   1.00 23.19 ? 44  ILE A CA  1 
ATOM   345 C C   . ILE A 1 53 ? -0.302  -7.039  2.252   1.00 24.83 ? 44  ILE A C   1 
ATOM   346 O O   . ILE A 1 53 ? 0.356   -6.795  1.225   1.00 24.18 ? 44  ILE A O   1 
ATOM   347 C CB  . ILE A 1 53 ? -2.276  -8.527  1.533   1.00 23.16 ? 44  ILE A CB  1 
ATOM   348 C CG1 . ILE A 1 53 ? -3.733  -8.543  0.995   1.00 22.08 ? 44  ILE A CG1 1 
ATOM   349 C CG2 . ILE A 1 53 ? -1.944  -9.732  2.443   1.00 22.15 ? 44  ILE A CG2 1 
ATOM   350 C CD1 . ILE A 1 53 ? -4.876  -8.595  2.057   1.00 24.88 ? 44  ILE A CD1 1 
ATOM   351 N N   . PHE A 1 54 ? 0.249   -7.177  3.458   1.00 26.61 ? 45  PHE A N   1 
ATOM   352 C CA  . PHE A 1 54 ? 1.704   -7.285  3.667   1.00 29.21 ? 45  PHE A CA  1 
ATOM   353 C C   . PHE A 1 54 ? 1.973   -8.438  4.663   1.00 30.96 ? 45  PHE A C   1 
ATOM   354 O O   . PHE A 1 54 ? 1.363   -8.492  5.749   1.00 31.71 ? 45  PHE A O   1 
ATOM   355 C CB  . PHE A 1 54 ? 2.258   -5.957  4.201   1.00 29.88 ? 45  PHE A CB  1 
ATOM   356 C CG  . PHE A 1 54 ? 3.758   -5.962  4.452   1.00 30.35 ? 45  PHE A CG  1 
ATOM   357 C CD1 . PHE A 1 54 ? 4.647   -6.139  3.412   1.00 28.63 ? 45  PHE A CD1 1 
ATOM   358 C CD2 . PHE A 1 54 ? 4.260   -5.790  5.742   1.00 32.02 ? 45  PHE A CD2 1 
ATOM   359 C CE1 . PHE A 1 54 ? 5.994   -6.155  3.625   1.00 29.94 ? 45  PHE A CE1 1 
ATOM   360 C CE2 . PHE A 1 54 ? 5.631   -5.777  5.973   1.00 32.40 ? 45  PHE A CE2 1 
ATOM   361 C CZ  . PHE A 1 54 ? 6.501   -5.956  4.907   1.00 32.12 ? 45  PHE A CZ  1 
ATOM   362 N N   . ALA A 1 55 ? 2.877   -9.339  4.298   1.00 31.59 ? 46  ALA A N   1 
ATOM   363 C CA  . ALA A 1 55 ? 2.958   -10.653 4.917   1.00 33.72 ? 46  ALA A CA  1 
ATOM   364 C C   . ALA A 1 55 ? 1.714   -11.309 4.316   1.00 35.11 ? 46  ALA A C   1 
ATOM   365 O O   . ALA A 1 55 ? 1.489   -11.256 3.063   1.00 36.03 ? 46  ALA A O   1 
ATOM   366 C CB  . ALA A 1 55 ? 2.868   -10.586 6.472   1.00 32.75 ? 46  ALA A CB  1 
ATOM   367 N N   . GLY A 1 56 ? 0.874   -11.858 5.184   1.00 34.90 ? 47  GLY A N   1 
ATOM   368 C CA  . GLY A 1 56 ? -0.435  -12.249 4.740   1.00 35.33 ? 47  GLY A CA  1 
ATOM   369 C C   . GLY A 1 56 ? -1.452  -11.441 5.502   1.00 36.09 ? 47  GLY A C   1 
ATOM   370 O O   . GLY A 1 56 ? -2.545  -11.917 5.710   1.00 36.92 ? 47  GLY A O   1 
ATOM   371 N N   . LYS A 1 57 ? -1.113  -10.223 5.932   1.00 36.95 ? 48  LYS A N   1 
ATOM   372 C CA  . LYS A 1 57 ? -2.074  -9.469  6.750   1.00 36.37 ? 48  LYS A CA  1 
ATOM   373 C C   . LYS A 1 57 ? -2.579  -8.180  6.133   1.00 35.97 ? 48  LYS A C   1 
ATOM   374 O O   . LYS A 1 57 ? -1.819  -7.423  5.557   1.00 35.04 ? 48  LYS A O   1 
ATOM   375 C CB  . LYS A 1 57 ? -1.567  -9.266  8.187   1.00 37.24 ? 48  LYS A CB  1 
ATOM   376 C CG  . LYS A 1 57 ? -0.510  -8.184  8.465   1.00 38.83 ? 48  LYS A CG  1 
ATOM   377 C CD  . LYS A 1 57 ? -0.004  -8.329  9.942   1.00 41.23 ? 48  LYS A CD  1 
ATOM   378 C CE  . LYS A 1 57 ? 0.785   -9.635  10.106  1.00 41.97 ? 48  LYS A CE  1 
ATOM   379 N NZ  . LYS A 1 57 ? 1.104   -10.023 11.549  1.00 45.54 ? 48  LYS A NZ  1 
ATOM   380 N N   . GLN A 1 58 ? -3.879  -7.952  6.260   1.00 35.91 ? 49  GLN A N   1 
ATOM   381 C CA  . GLN A 1 58 ? -4.499  -6.799  5.652   1.00 35.71 ? 49  GLN A CA  1 
ATOM   382 C C   . GLN A 1 58 ? -4.206  -5.565  6.486   1.00 34.79 ? 49  GLN A C   1 
ATOM   383 O O   . GLN A 1 58 ? -4.441  -5.559  7.691   1.00 36.63 ? 49  GLN A O   1 
ATOM   384 C CB  . GLN A 1 58 ? -6.011  -7.018  5.521   1.00 36.22 ? 49  GLN A CB  1 
ATOM   385 C CG  . GLN A 1 58 ? -6.716  -5.983  4.651   1.00 37.11 ? 49  GLN A CG  1 
ATOM   386 C CD  . GLN A 1 58 ? -8.250  -6.177  4.545   1.00 41.58 ? 49  GLN A CD  1 
ATOM   387 O OE1 . GLN A 1 58 ? -8.960  -5.244  4.175   1.00 44.52 ? 49  GLN A OE1 1 
ATOM   388 N NE2 . GLN A 1 58 ? -8.738  -7.374  4.831   1.00 41.27 ? 49  GLN A NE2 1 
ATOM   389 N N   . LEU A 1 59 ? -3.744  -4.519  5.826   1.00 32.47 ? 50  LEU A N   1 
ATOM   390 C CA  . LEU A 1 59 ? -3.422  -3.258  6.469   1.00 30.47 ? 50  LEU A CA  1 
ATOM   391 C C   . LEU A 1 59 ? -4.702  -2.479  6.729   1.00 28.93 ? 50  LEU A C   1 
ATOM   392 O O   . LEU A 1 59 ? -5.540  -2.367  5.850   1.00 27.40 ? 50  LEU A O   1 
ATOM   393 C CB  . LEU A 1 59 ? -2.481  -2.407  5.582   1.00 29.43 ? 50  LEU A CB  1 
ATOM   394 C CG  . LEU A 1 59 ? -1.293  -3.081  4.833   1.00 31.12 ? 50  LEU A CG  1 
ATOM   395 C CD1 . LEU A 1 59 ? -0.527  -2.087  3.946   1.00 24.67 ? 50  LEU A CD1 1 
ATOM   396 C CD2 . LEU A 1 59 ? -0.316  -3.734  5.807   1.00 28.00 ? 50  LEU A CD2 1 
ATOM   397 N N   . GLU A 1 60 ? -4.784  -1.876  7.913   1.00 26.57 ? 51  GLU A N   1 
ATOM   398 C CA  . GLU A 1 60 ? -5.966  -1.204  8.366   1.00 26.67 ? 51  GLU A CA  1 
ATOM   399 C C   . GLU A 1 60 ? -5.744  0.285   8.466   1.00 25.20 ? 51  GLU A C   1 
ATOM   400 O O   . GLU A 1 60 ? -4.692  0.704   8.935   1.00 24.92 ? 51  GLU A O   1 
ATOM   401 C CB  . GLU A 1 60 ? -6.290  -1.731  9.760   1.00 26.94 ? 51  GLU A CB  1 
ATOM   402 C CG  . GLU A 1 60 ? -6.754  -3.165  9.809   1.00 30.58 ? 51  GLU A CG  1 
ATOM   403 C CD  . GLU A 1 60 ? -7.114  -3.559  11.241  1.00 35.93 ? 51  GLU A CD  1 
ATOM   404 O OE1 . GLU A 1 60 ? -6.210  -3.753  12.071  1.00 36.77 ? 51  GLU A OE1 1 
ATOM   405 O OE2 . GLU A 1 60 ? -8.311  -3.643  11.548  1.00 41.71 ? 51  GLU A OE2 1 
ATOM   406 N N   . ASP A 1 61 ? -6.753  1.078   8.119   1.00 24.26 ? 52  ASP A N   1 
ATOM   407 C CA  . ASP A 1 61 ? -6.677  2.558   8.262   1.00 25.83 ? 52  ASP A CA  1 
ATOM   408 C C   . ASP A 1 61 ? -6.391  3.069   9.718   1.00 26.69 ? 52  ASP A C   1 
ATOM   409 O O   . ASP A 1 61 ? -5.913  4.180   9.961   1.00 28.18 ? 52  ASP A O   1 
ATOM   410 C CB  . ASP A 1 61 ? -7.933  3.232   7.683   1.00 23.66 ? 52  ASP A CB  1 
ATOM   411 C CG  . ASP A 1 61 ? -8.061  3.039   6.197   1.00 25.61 ? 52  ASP A CG  1 
ATOM   412 O OD1 . ASP A 1 61 ? -7.071  2.616   5.515   1.00 22.01 ? 52  ASP A OD1 1 
ATOM   413 O OD2 . ASP A 1 61 ? -9.131  3.300   5.629   1.00 23.70 ? 52  ASP A OD2 1 
ATOM   414 N N   . GLY A 1 62 ? -6.625  2.297   10.727  1.00 26.98 ? 53  GLY A N   1 
ATOM   415 C CA  . GLY A 1 62 ? -6.089  2.856   12.011  1.00 31.40 ? 53  GLY A CA  1 
ATOM   416 C C   . GLY A 1 62 ? -4.595  3.352   12.153  1.00 30.52 ? 53  GLY A C   1 
ATOM   417 O O   . GLY A 1 62 ? -4.208  4.106   13.092  1.00 30.33 ? 53  GLY A O   1 
ATOM   418 N N   . ARG A 1 63 ? -3.750  2.859   11.259  1.00 28.76 ? 54  ARG A N   1 
ATOM   419 C CA  . ARG A 1 63 ? -2.360  2.568   11.594  1.00 27.26 ? 54  ARG A CA  1 
ATOM   420 C C   . ARG A 1 63 ? -1.367  3.297   10.671  1.00 26.89 ? 54  ARG A C   1 
ATOM   421 O O   . ARG A 1 63 ? -1.799  3.922   9.697   1.00 26.97 ? 54  ARG A O   1 
ATOM   422 C CB  . ARG A 1 63 ? -2.150  1.056   11.468  1.00 26.93 ? 54  ARG A CB  1 
ATOM   423 C CG  . ARG A 1 63 ? -3.197  0.197   12.270  1.00 28.87 ? 54  ARG A CG  1 
ATOM   424 C CD  . ARG A 1 63 ? -2.617  -0.746  13.321  1.00 33.30 ? 54  ARG A CD  1 
ATOM   425 N N   . THR A 1 64 ? -0.060  3.173   10.950  1.00 24.50 ? 55  THR A N   1 
ATOM   426 C CA  . THR A 1 64 ? 0.993   3.716   10.081  1.00 21.74 ? 55  THR A CA  1 
ATOM   427 C C   . THR A 1 64 ? 1.705   2.568   9.436   1.00 22.24 ? 55  THR A C   1 
ATOM   428 O O   . THR A 1 64 ? 1.552   1.388   9.826   1.00 19.82 ? 55  THR A O   1 
ATOM   429 C CB  . THR A 1 64 ? 2.051   4.571   10.895  1.00 21.28 ? 55  THR A CB  1 
ATOM   430 O OG1 . THR A 1 64 ? 2.654   3.728   11.850  1.00 22.38 ? 55  THR A OG1 1 
ATOM   431 C CG2 . THR A 1 64 ? 1.386   5.570   11.799  1.00 20.49 ? 55  THR A CG2 1 
ATOM   432 N N   . LEU A 1 65 ? 2.454   2.896   8.391   1.00 22.37 ? 56  LEU A N   1 
ATOM   433 C CA  . LEU A 1 65 ? 3.271   1.910   7.717   1.00 22.97 ? 56  LEU A CA  1 
ATOM   434 C C   . LEU A 1 65 ? 4.255   1.232   8.722   1.00 21.68 ? 56  LEU A C   1 
ATOM   435 O O   . LEU A 1 65 ? 4.446   0.003   8.684   1.00 22.55 ? 56  LEU A O   1 
ATOM   436 C CB  . LEU A 1 65 ? 3.961   2.575   6.489   1.00 23.20 ? 56  LEU A CB  1 
ATOM   437 C CG  . LEU A 1 65 ? 2.994   2.994   5.358   1.00 24.40 ? 56  LEU A CG  1 
ATOM   438 C CD1 . LEU A 1 65 ? 3.736   3.525   4.170   1.00 25.99 ? 56  LEU A CD1 1 
ATOM   439 C CD2 . LEU A 1 65 ? 2.186   1.780   4.846   1.00 27.22 ? 56  LEU A CD2 1 
ATOM   440 N N   . SER A 1 66 ? 4.822   2.019   9.641   1.00 21.40 ? 57  SER A N   1 
ATOM   441 C CA  . SER A 1 66 ? 5.772   1.503   10.674  1.00 21.38 ? 57  SER A CA  1 
ATOM   442 C C   . SER A 1 66 ? 5.135   0.433   11.547  1.00 21.61 ? 57  SER A C   1 
ATOM   443 O O   . SER A 1 66 ? 5.816   -0.510  11.989  1.00 21.86 ? 57  SER A O   1 
ATOM   444 C CB  . SER A 1 66 ? 6.347   2.641   11.598  1.00 20.75 ? 57  SER A CB  1 
ATOM   445 O OG  . SER A 1 66 ? 5.294   3.473   12.181  1.00 20.06 ? 57  SER A OG  1 
ATOM   446 N N   . ASP A 1 67 ? 3.839   0.589   11.805  1.00 20.78 ? 58  ASP A N   1 
ATOM   447 C CA  . ASP A 1 67 ? 3.112   -0.342  12.659  1.00 22.56 ? 58  ASP A CA  1 
ATOM   448 C C   . ASP A 1 67 ? 3.154   -1.771  12.099  1.00 21.64 ? 58  ASP A C   1 
ATOM   449 O O   . ASP A 1 67 ? 2.977   -2.731  12.825  1.00 20.32 ? 58  ASP A O   1 
ATOM   450 C CB  . ASP A 1 67 ? 1.647   0.094   12.809  1.00 21.14 ? 58  ASP A CB  1 
ATOM   451 C CG  . ASP A 1 67 ? 1.463   1.254   13.773  1.00 22.78 ? 58  ASP A CG  1 
ATOM   452 O OD1 . ASP A 1 67 ? 2.369   1.538   14.599  1.00 22.52 ? 58  ASP A OD1 1 
ATOM   453 O OD2 . ASP A 1 67 ? 0.428   1.961   13.768  1.00 18.52 ? 58  ASP A OD2 1 
ATOM   454 N N   . TYR A 1 68 ? 3.326   -1.865  10.796  1.00 22.86 ? 59  TYR A N   1 
ATOM   455 C CA  . TYR A 1 68 ? 3.464   -3.139  10.086  1.00 23.65 ? 59  TYR A CA  1 
ATOM   456 C C   . TYR A 1 68 ? 4.910   -3.542  9.733   1.00 25.32 ? 59  TYR A C   1 
ATOM   457 O O   . TYR A 1 68 ? 5.123   -4.501  8.984   1.00 25.21 ? 59  TYR A O   1 
ATOM   458 C CB  . TYR A 1 68 ? 2.649   -3.048  8.804   1.00 22.89 ? 59  TYR A CB  1 
ATOM   459 C CG  . TYR A 1 68 ? 1.171   -2.978  9.093   1.00 24.22 ? 59  TYR A CG  1 
ATOM   460 C CD1 . TYR A 1 68 ? 0.463   -4.126  9.427   1.00 24.19 ? 59  TYR A CD1 1 
ATOM   461 C CD2 . TYR A 1 68 ? 0.489   -1.745  9.107   1.00 23.66 ? 59  TYR A CD2 1 
ATOM   462 C CE1 . TYR A 1 68 ? -0.899  -4.065  9.737   1.00 26.47 ? 59  TYR A CE1 1 
ATOM   463 C CE2 . TYR A 1 68 ? -0.862  -1.680  9.406   1.00 20.66 ? 59  TYR A CE2 1 
ATOM   464 C CZ  . TYR A 1 68 ? -1.567  -2.836  9.695   1.00 25.77 ? 59  TYR A CZ  1 
ATOM   465 O OH  . TYR A 1 68 ? -2.931  -2.800  9.993   1.00 23.53 ? 59  TYR A OH  1 
ATOM   466 N N   . ASN A 1 69 ? 5.901   -2.811  10.231  1.00 26.20 ? 60  ASN A N   1 
ATOM   467 C CA  . ASN A 1 69 ? 7.271   -3.168  9.888   1.00 30.09 ? 60  ASN A CA  1 
ATOM   468 C C   . ASN A 1 69 ? 7.548   -3.029  8.377   1.00 30.37 ? 60  ASN A C   1 
ATOM   469 O O   . ASN A 1 69 ? 8.455   -3.674  7.840   1.00 31.00 ? 60  ASN A O   1 
ATOM   470 C CB  . ASN A 1 69 ? 7.564   -4.599  10.377  1.00 29.68 ? 60  ASN A CB  1 
ATOM   471 C CG  . ASN A 1 69 ? 7.692   -4.663  11.887  1.00 34.74 ? 60  ASN A CG  1 
ATOM   472 O OD1 . ASN A 1 69 ? 8.738   -4.269  12.439  1.00 43.09 ? 60  ASN A OD1 1 
ATOM   473 N ND2 . ASN A 1 69 ? 6.653   -5.161  12.570  1.00 33.29 ? 60  ASN A ND2 1 
ATOM   474 N N   . ILE A 1 70 ? 6.736   -2.230  7.702   1.00 30.44 ? 61  ILE A N   1 
ATOM   475 C CA  . ILE A 1 70 ? 7.006   -1.907  6.298   1.00 32.04 ? 61  ILE A CA  1 
ATOM   476 C C   . ILE A 1 70 ? 8.263   -1.044  6.202   1.00 32.92 ? 61  ILE A C   1 
ATOM   477 O O   . ILE A 1 70 ? 8.418   -0.098  6.978   1.00 35.36 ? 61  ILE A O   1 
ATOM   478 C CB  . ILE A 1 70 ? 5.791   -1.235  5.654   1.00 31.18 ? 61  ILE A CB  1 
ATOM   479 C CG1 . ILE A 1 70 ? 4.701   -2.261  5.433   1.00 28.72 ? 61  ILE A CG1 1 
ATOM   480 C CG2 . ILE A 1 70 ? 6.125   -0.573  4.297   1.00 31.49 ? 61  ILE A CG2 1 
ATOM   481 C CD1 . ILE A 1 70 ? 3.313   -1.637  5.170   1.00 27.18 ? 61  ILE A CD1 1 
ATOM   482 N N   . GLN A 1 71 ? 9.129   -1.376  5.243   1.00 33.51 ? 62  GLN A N   1 
ATOM   483 C CA  . GLN A 1 71 ? 10.470  -0.793  5.024   1.00 33.05 ? 62  GLN A CA  1 
ATOM   484 C C   . GLN A 1 71 ? 10.708  -0.390  3.545   1.00 32.99 ? 62  GLN A C   1 
ATOM   485 O O   . GLN A 1 71 ? 9.862   -0.653  2.679   1.00 30.22 ? 62  GLN A O   1 
ATOM   486 C CB  . GLN A 1 71 ? 11.500  -1.831  5.375   1.00 33.69 ? 62  GLN A CB  1 
ATOM   487 C CG  . GLN A 1 71 ? 11.386  -2.238  6.826   1.00 38.02 ? 62  GLN A CG  1 
ATOM   488 C CD  . GLN A 1 71 ? 12.671  -2.641  7.375   1.00 43.09 ? 62  GLN A CD  1 
ATOM   489 O OE1 . GLN A 1 71 ? 13.230  -3.648  6.947   1.00 46.91 ? 62  GLN A OE1 1 
ATOM   490 N NE2 . GLN A 1 71 ? 13.183  -1.862  8.326   1.00 48.21 ? 62  GLN A NE2 1 
ATOM   491 N N   . LYS A 1 72 ? 11.862  0.236   3.267   1.00 32.11 ? 63  LYS A N   1 
ATOM   492 C CA  . LYS A 1 72 ? 12.197  0.580   1.883   1.00 32.50 ? 63  LYS A CA  1 
ATOM   493 C C   . LYS A 1 72 ? 12.088  -0.720  1.081   1.00 31.45 ? 63  LYS A C   1 
ATOM   494 O O   . LYS A 1 72 ? 12.560  -1.771  1.520   1.00 30.50 ? 63  LYS A O   1 
ATOM   495 C CB  . LYS A 1 72 ? 13.640  1.070   1.727   1.00 31.79 ? 63  LYS A CB  1 
ATOM   496 C CG  . LYS A 1 72 ? 14.089  2.217   2.558   1.00 31.55 ? 63  LYS A CG  1 
ATOM   497 C CD  . LYS A 1 72 ? 15.377  2.774   1.909   1.00 29.50 ? 63  LYS A CD  1 
ATOM   498 N N   . GLU A 1 73 ? 11.441  -0.644  -0.063  1.00 30.84 ? 64  GLU A N   1 
ATOM   499 C CA  . GLU A 1 73 ? 11.392  -1.762  -0.983  1.00 30.82 ? 64  GLU A CA  1 
ATOM   500 C C   . GLU A 1 73 ? 10.618  -3.014  -0.619  1.00 28.21 ? 64  GLU A C   1 
ATOM   501 O O   . GLU A 1 73 ? 10.715  -4.034  -1.329  1.00 27.73 ? 64  GLU A O   1 
ATOM   502 C CB  . GLU A 1 73 ? 12.790  -2.143  -1.432  1.00 31.96 ? 64  GLU A CB  1 
ATOM   503 C CG  . GLU A 1 73 ? 13.075  -1.539  -2.764  1.00 38.68 ? 64  GLU A CG  1 
ATOM   504 C CD  . GLU A 1 73 ? 14.197  -0.557  -2.712  1.00 44.35 ? 64  GLU A CD  1 
ATOM   505 O OE1 . GLU A 1 73 ? 14.346  0.072   -1.646  1.00 48.02 ? 64  GLU A OE1 1 
ATOM   506 O OE2 . GLU A 1 73 ? 14.904  -0.437  -3.739  1.00 44.83 ? 64  GLU A OE2 1 
ATOM   507 N N   . SER A 1 74 ? 9.848   -2.940  0.467   1.00 26.06 ? 65  SER A N   1 
ATOM   508 C CA  . SER A 1 74 ? 8.818   -3.919  0.767   1.00 22.28 ? 65  SER A CA  1 
ATOM   509 C C   . SER A 1 74 ? 7.885   -3.977  -0.417  1.00 21.80 ? 65  SER A C   1 
ATOM   510 O O   . SER A 1 74 ? 7.693   -2.944  -1.118  1.00 18.92 ? 65  SER A O   1 
ATOM   511 C CB  . SER A 1 74 ? 7.991   -3.456  1.992   1.00 22.31 ? 65  SER A CB  1 
ATOM   512 O OG  . SER A 1 74 ? 8.769   -3.474  3.179   1.00 22.96 ? 65  SER A OG  1 
ATOM   513 N N   . THR A 1 75 ? 7.304   -5.171  -0.617  1.00 20.92 ? 66  THR A N   1 
ATOM   514 C CA  . THR A 1 75 ? 6.224   -5.400  -1.557  1.00 21.25 ? 66  THR A CA  1 
ATOM   515 C C   . THR A 1 75 ? 4.872   -5.591  -0.805  1.00 21.06 ? 66  THR A C   1 
ATOM   516 O O   . THR A 1 75 ? 4.778   -6.366  0.142   1.00 21.70 ? 66  THR A O   1 
ATOM   517 C CB  . THR A 1 75 ? 6.584   -6.638  -2.425  1.00 23.07 ? 66  THR A CB  1 
ATOM   518 O OG1 . THR A 1 75 ? 7.834   -6.394  -3.088  1.00 24.41 ? 66  THR A OG1 1 
ATOM   519 C CG2 . THR A 1 75 ? 5.585   -6.900  -3.560  1.00 22.12 ? 66  THR A CG2 1 
ATOM   520 N N   . LEU A 1 76 ? 3.843   -4.865  -1.219  1.00 19.97 ? 67  LEU A N   1 
ATOM   521 C CA  . LEU A 1 76 ? 2.481   -5.075  -0.749  1.00 22.15 ? 67  LEU A CA  1 
ATOM   522 C C   . LEU A 1 76 ? 1.628   -5.586  -1.908  1.00 22.79 ? 67  LEU A C   1 
ATOM   523 O O   . LEU A 1 76 ? 1.894   -5.296  -3.103  1.00 22.80 ? 67  LEU A O   1 
ATOM   524 C CB  . LEU A 1 76 ? 1.849   -3.818  -0.130  1.00 22.69 ? 67  LEU A CB  1 
ATOM   525 C CG  . LEU A 1 76 ? 2.716   -2.662  0.380   1.00 28.07 ? 67  LEU A CG  1 
ATOM   526 C CD1 . LEU A 1 76 ? 1.792   -1.490  0.972   1.00 24.96 ? 67  LEU A CD1 1 
ATOM   527 C CD2 . LEU A 1 76 ? 3.781   -3.106  1.332   1.00 28.23 ? 67  LEU A CD2 1 
ATOM   528 N N   . HIS A 1 77 ? 0.654   -6.418  -1.573  1.00 22.70 ? 68  HIS A N   1 
ATOM   529 C CA  . HIS A 1 77 ? -0.239  -6.908  -2.581  1.00 23.31 ? 68  HIS A CA  1 
ATOM   530 C C   . HIS A 1 77 ? -1.487  -6.038  -2.613  1.00 23.01 ? 68  HIS A C   1 
ATOM   531 O O   . HIS A 1 77 ? -2.048  -5.704  -1.570  1.00 22.49 ? 68  HIS A O   1 
ATOM   532 C CB  . HIS A 1 77 ? -0.593  -8.367  -2.289  1.00 23.47 ? 68  HIS A CB  1 
ATOM   533 C CG  . HIS A 1 77 ? 0.524   -9.300  -2.611  1.00 27.60 ? 68  HIS A CG  1 
ATOM   534 N ND1 . HIS A 1 77 ? 0.636   -9.958  -3.829  1.00 28.98 ? 68  HIS A ND1 1 
ATOM   535 C CD2 . HIS A 1 77 ? 1.601   -9.658  -1.884  1.00 29.96 ? 68  HIS A CD2 1 
ATOM   536 C CE1 . HIS A 1 77 ? 1.743   -10.675 -3.833  1.00 33.04 ? 68  HIS A CE1 1 
ATOM   537 N NE2 . HIS A 1 77 ? 2.351   -10.508 -2.665  1.00 37.15 ? 68  HIS A NE2 1 
ATOM   538 N N   . LEU A 1 78 ? -1.913  -5.648  -3.802  1.00 23.96 ? 69  LEU A N   1 
ATOM   539 C CA  . LEU A 1 78 ? -3.153  -4.926  -3.925  1.00 25.84 ? 69  LEU A CA  1 
ATOM   540 C C   . LEU A 1 78 ? -4.185  -5.893  -4.513  1.00 27.81 ? 69  LEU A C   1 
ATOM   541 O O   . LEU A 1 78 ? -4.051  -6.356  -5.633  1.00 25.14 ? 69  LEU A O   1 
ATOM   542 C CB  . LEU A 1 78 ? -2.991  -3.725  -4.874  1.00 25.81 ? 69  LEU A CB  1 
ATOM   543 C CG  . LEU A 1 78 ? -4.180  -2.787  -5.188  1.00 26.24 ? 69  LEU A CG  1 
ATOM   544 C CD1 . LEU A 1 78 ? -4.829  -2.224  -3.981  1.00 23.17 ? 69  LEU A CD1 1 
ATOM   545 C CD2 . LEU A 1 78 ? -3.770  -1.564  -6.061  1.00 24.86 ? 69  LEU A CD2 1 
ATOM   546 N N   . VAL A 1 79 ? -5.226  -6.115  -3.750  1.00 30.78 ? 70  VAL A N   1 
ATOM   547 C CA  . VAL A 1 79 ? -6.368  -6.891  -4.191  1.00 36.20 ? 70  VAL A CA  1 
ATOM   548 C C   . VAL A 1 79 ? -7.626  -5.997  -4.332  1.00 39.72 ? 70  VAL A C   1 
ATOM   549 O O   . VAL A 1 79 ? -8.016  -5.290  -3.393  1.00 39.88 ? 70  VAL A O   1 
ATOM   550 C CB  . VAL A 1 79 ? -6.667  -7.990  -3.220  1.00 35.13 ? 70  VAL A CB  1 
ATOM   551 C CG1 . VAL A 1 79 ? -7.935  -8.639  -3.651  1.00 36.93 ? 70  VAL A CG1 1 
ATOM   552 C CG2 . VAL A 1 79 ? -5.495  -8.925  -3.175  1.00 34.04 ? 70  VAL A CG2 1 
ATOM   553 N N   . LEU A 1 80 ? -8.198  -6.013  -5.546  1.00 43.55 ? 71  LEU A N   1 
ATOM   554 C CA  . LEU A 1 80 ? -9.140  -4.990  -6.025  1.00 45.21 ? 71  LEU A CA  1 
ATOM   555 C C   . LEU A 1 80 ? -10.510 -5.636  -6.062  1.00 45.81 ? 71  LEU A C   1 
ATOM   556 O O   . LEU A 1 80 ? -10.601 -6.856  -6.194  1.00 46.14 ? 71  LEU A O   1 
ATOM   557 C CB  . LEU A 1 80 ? -8.750  -4.513  -7.452  1.00 46.23 ? 71  LEU A CB  1 
ATOM   558 C CG  . LEU A 1 80 ? -7.812  -3.311  -7.670  1.00 47.13 ? 71  LEU A CG  1 
ATOM   559 C CD1 . LEU A 1 80 ? -7.771  -2.469  -6.412  1.00 48.99 ? 71  LEU A CD1 1 
ATOM   560 C CD2 . LEU A 1 80 ? -6.380  -3.726  -8.074  1.00 46.77 ? 71  LEU A CD2 1 
HETATM 561 O O   . HOH B 2 .  ? -6.306  -2.601  3.111   1.00 19.37 ? 80  HOH A O   1 
HETATM 562 O O   . HOH B 2 .  ? -15.669 2.426   -5.105  1.00 17.03 ? 81  HOH A O   1 
HETATM 563 O O   . HOH B 2 .  ? 5.305   2.873   -10.887 1.00 22.33 ? 82  HOH A O   1 
HETATM 564 O O   . HOH B 2 .  ? -10.210 0.738   1.995   1.00 29.23 ? 83  HOH A O   1 
HETATM 565 O O   . HOH B 2 .  ? 4.621   10.779  2.566   1.00 28.34 ? 84  HOH A O   1 
HETATM 566 O O   . HOH B 2 .  ? 8.716   -7.198  1.238   1.00 28.08 ? 85  HOH A O   1 
HETATM 567 O O   . HOH B 2 .  ? -0.596  8.685   12.895  1.00 29.39 ? 86  HOH A O   1 
HETATM 568 O O   . HOH B 2 .  ? -4.887  7.406   11.137  1.00 22.51 ? 87  HOH A O   1 
HETATM 569 O O   . HOH B 2 .  ? 3.487   0.147   -13.400 1.00 38.04 ? 88  HOH A O   1 
HETATM 570 O O   . HOH B 2 .  ? -10.604 7.462   -8.218  1.00 28.32 ? 89  HOH A O   1 
HETATM 571 O O   . HOH B 2 .  ? -6.874  9.727   -9.498  1.00 30.70 ? 90  HOH A O   1 
HETATM 572 O O   . HOH B 2 .  ? 1.973   9.054   12.023  1.00 31.81 ? 91  HOH A O   1 
HETATM 573 O O   . HOH B 2 .  ? -3.763  11.239  -10.266 1.00 31.46 ? 92  HOH A O   1 
HETATM 574 O O   . HOH B 2 .  ? -0.127  10.081  6.127   1.00 30.45 ? 93  HOH A O   1 
HETATM 575 O O   . HOH B 2 .  ? 3.451   -6.944  9.463   1.00 39.46 ? 94  HOH A O   1 
HETATM 576 O O   . HOH B 2 .  ? 16.059  -0.350  8.186   1.00 32.07 ? 95  HOH A O   1 
HETATM 577 O O   . HOH B 2 .  ? 4.791   2.231   14.549  1.00 29.67 ? 96  HOH A O   1 
HETATM 578 O O   . HOH B 2 .  ? -6.066  10.653  -3.440  1.00 36.33 ? 97  HOH A O   1 
HETATM 579 O O   . HOH B 2 .  ? 3.991   10.836  7.811   1.00 26.30 ? 98  HOH A O   1 
HETATM 580 O O   . HOH B 2 .  ? -6.559  11.306  -6.654  1.00 41.70 ? 99  HOH A O   1 
HETATM 581 O O   . HOH B 2 .  ? -7.746  -7.936  -7.493  1.00 33.30 ? 100 HOH A O   1 
HETATM 582 O O   . HOH B 2 .  ? -5.147  -7.159  -7.842  1.00 35.07 ? 101 HOH A O   1 
HETATM 583 O O   . HOH B 2 .  ? 18.037  0.454   -3.876  1.00 32.63 ? 102 HOH A O   1 
HETATM 584 O O   . HOH B 2 .  ? 1.469   2.184   -13.426 1.00 39.96 ? 103 HOH A O   1 
HETATM 585 O O   . HOH B 2 .  ? 8.646   -0.229  12.501  1.00 36.85 ? 104 HOH A O   1 
HETATM 586 O O   . HOH B 2 .  ? 3.296   -14.068 3.853   1.00 41.12 ? 105 HOH A O   1 
HETATM 587 O O   . HOH B 2 .  ? 4.445   10.697  -3.696  1.00 42.09 ? 106 HOH A O   1 
HETATM 588 O O   . HOH B 2 .  ? -17.846 2.094   -0.223  1.00 33.80 ? 107 HOH A O   1 
HETATM 589 O O   . HOH B 2 .  ? 6.808   5.419   -11.071 1.00 35.20 ? 108 HOH A O   1 
HETATM 590 O O   . HOH B 2 .  ? 12.443  11.202  0.515   1.00 42.07 ? 109 HOH A O   1 
HETATM 591 O O   . HOH B 2 .  ? 10.873  -2.904  10.404  1.00 44.51 ? 110 HOH A O   1 
HETATM 592 O O   . HOH B 2 .  ? 3.036   -14.612 6.091   1.00 41.68 ? 111 HOH A O   1 
HETATM 593 O O   . HOH B 2 .  ? -2.635  10.725  5.224   1.00 50.69 ? 112 HOH A O   1 
HETATM 594 O O   . HOH B 2 .  ? 3.358   -15.188 -6.763  0.25 23.23 ? 113 HOH A O   1 
HETATM 595 O O   . HOH B 2 .  ? 12.279  -7.682  7.826   1.00 53.07 ? 114 HOH A O   1 
HETATM 596 O O   . HOH B 2 .  ? 8.421   -7.175  8.128   1.00 39.18 ? 115 HOH A O   1 
HETATM 597 O O   . HOH B 2 .  ? 14.505  11.419  6.010   1.00 34.16 ? 116 HOH A O   1 
HETATM 598 O O   . HOH B 2 .  ? 5.200   -16.041 -8.280  0.50 31.33 ? 117 HOH A O   1 
HETATM 599 O O   . HOH B 2 .  ? 7.470   8.861   -7.298  1.00 40.55 ? 118 HOH A O   1 
HETATM 600 O O   . HOH B 2 .  ? -1.658  0.389   15.650  1.00 41.61 ? 119 HOH A O   1 
HETATM 601 O O   . HOH B 2 .  ? 14.428  9.368   0.711   1.00 54.99 ? 120 HOH A O   1 
HETATM 602 O O   . HOH B 2 .  ? 7.395   6.312   -6.790  1.00 43.01 ? 121 HOH A O   1 
HETATM 603 O O   . HOH B 2 .  ? -9.495  3.975   3.231   0.50 4.95  ? 122 HOH A O   1 
HETATM 604 O O   . HOH B 2 .  ? -11.907 6.951   1.996   0.50 11.56 ? 123 HOH A O   1 
HETATM 605 O O   . HOH B 2 .  ? -7.582  6.899   1.715   0.50 7.49  ? 124 HOH A O   1 
HETATM 606 O O   . HOH B 2 .  ? 9.130   3.244   4.139   0.50 19.87 ? 125 HOH A O   1 
HETATM 607 O O   . HOH B 2 .  ? 5.657   5.984   12.489  0.50 4.36  ? 126 HOH A O   1 
HETATM 608 O O   . HOH B 2 .  ? 2.791   -5.451  -16.027 0.50 4.37  ? 127 HOH A O   1 
HETATM 609 O O   . HOH B 2 .  ? 10.286  -6.517  -1.866  0.50 2.89  ? 128 HOH A O   1 
# 
loop_
_pdbx_poly_seq_scheme.asym_id 
_pdbx_poly_seq_scheme.entity_id 
_pdbx_poly_seq_scheme.seq_id 
_pdbx_poly_seq_scheme.mon_id 
_pdbx_poly_seq_scheme.ndb_seq_num 
_pdbx_poly_seq_scheme.pdb_seq_num 
_pdbx_poly_seq_scheme.auth_seq_num 
_pdbx_poly_seq_scheme.pdb_mon_id 
_pdbx_poly_seq_scheme.auth_mon_id 
_pdbx_poly_seq_scheme.pdb_strand_id 
_pdbx_poly_seq_scheme.pdb_ins_code 
_pdbx_poly_seq_scheme.hetero 
A 1 1  HIS 1  -8 ?  ?   ?   A . n 
A 1 2  HIS 2  -7 ?  ?   ?   A . n 
A 1 3  HIS 3  -6 ?  ?   ?   A . n 
A 1 4  HIS 4  -5 ?  ?   ?   A . n 
A 1 5  HIS 5  -4 ?  ?   ?   A . n 
A 1 6  HIS 6  -3 ?  ?   ?   A . n 
A 1 7  LEU 7  -2 ?  ?   ?   A . n 
A 1 8  GLN 8  -1 ?  ?   ?   A . n 
A 1 9  GLY 9  0  ?  ?   ?   A . n 
A 1 10 LEU 10 1  1  LEU LEU A . n 
A 1 11 GLN 11 2  2  GLN GLN A . n 
A 1 12 LEU 12 3  3  LEU LEU A . n 
A 1 13 PHE 13 4  4  PHE PHE A . n 
A 1 14 ILE 14 5  5  ILE ILE A . n 
A 1 15 LYS 15 6  6  LYS LYS A . n 
A 1 16 THR 16 7  7  THR THR A . n 
A 1 17 LEU 17 8  8  LEU LEU A . n 
A 1 18 THR 18 9  9  THR THR A . n 
A 1 19 GLY 19 10 10 GLY GLY A . n 
A 1 20 LYS 20 11 11 LYS LYS A . n 
A 1 21 THR 21 12 12 THR THR A . n 
A 1 22 PHE 22 13 13 PHE PHE A . n 
A 1 23 THR 23 14 14 THR THR A . n 
A 1 24 VAL 24 15 15 VAL VAL A . n 
A 1 25 GLU 25 16 16 GLU GLU A . n 
A 1 26 MET 26 17 17 MET MET A . n 
A 1 27 GLU 27 18 18 GLU GLU A . n 
A 1 28 PRO 28 19 19 PRO PRO A . n 
A 1 29 SER 29 20 20 SER SER A . n 
A 1 30 ASP 30 21 21 ASP ASP A . n 
A 1 31 THR 31 22 22 THR THR A . n 
A 1 32 ILE 32 23 23 ILE ILE A . n 
A 1 33 GLU 33 24 24 GLU GLU A . n 
A 1 34 ASN 34 25 25 ASN ASN A . n 
A 1 35 LEU 35 26 26 LEU LEU A . n 
A 1 36 LYS 36 27 27 LYS LYS A . n 
A 1 37 ALA 37 28 28 ALA ALA A . n 
A 1 38 LYS 38 29 29 LYS LYS A . n 
A 1 39 ILE 39 30 30 ILE ILE A . n 
A 1 40 GLN 40 31 31 GLN GLN A . n 
A 1 41 ASP 41 32 32 ASP ASP A . n 
A 1 42 LYS 42 33 33 LYS LYS A . n 
A 1 43 GLU 43 34 34 GLU GLU A . n 
A 1 44 GLY 44 35 35 GLY GLY A . n 
A 1 45 ILE 45 36 36 ILE ILE A . n 
A 1 46 PRO 46 37 37 PRO PRO A . n 
A 1 47 PRO 47 38 38 PRO PRO A . n 
A 1 48 ASP 48 39 39 ASP ASP A . n 
A 1 49 GLN 49 40 40 GLN GLN A . n 
A 1 50 GLN 50 41 41 GLN GLN A . n 
A 1 51 ARG 51 42 42 ARG ARG A . n 
A 1 52 LEU 52 43 43 LEU LEU A . n 
A 1 53 ILE 53 44 44 ILE ILE A . n 
A 1 54 PHE 54 45 45 PHE PHE A . n 
A 1 55 ALA 55 46 46 ALA ALA A . n 
A 1 56 GLY 56 47 47 GLY GLY A . n 
A 1 57 LYS 57 48 48 LYS LYS A . n 
A 1 58 GLN 58 49 49 GLN GLN A . n 
A 1 59 LEU 59 50 50 LEU LEU A . n 
A 1 60 GLU 60 51 51 GLU GLU A . n 
A 1 61 ASP 61 52 52 ASP ASP A . n 
A 1 62 GLY 62 53 53 GLY GLY A . n 
A 1 63 ARG 63 54 54 ARG ARG A . n 
A 1 64 THR 64 55 55 THR THR A . n 
A 1 65 LEU 65 56 56 LEU LEU A . n 
A 1 66 SER 66 57 57 SER SER A . n 
A 1 67 ASP 67 58 58 ASP ASP A . n 
A 1 68 TYR 68 59 59 TYR TYR A . n 
A 1 69 ASN 69 60 60 ASN ASN A . n 
A 1 70 ILE 70 61 61 ILE ILE A . n 
A 1 71 GLN 71 62 62 GLN GLN A . n 
A 1 72 LYS 72 63 63 LYS LYS A . n 
A 1 73 GLU 73 64 64 GLU GLU A . n 
A 1 74 SER 74 65 65 SER SER A . n 
A 1 75 THR 75 66 66 THR THR A . n 
A 1 76 LEU 76 67 67 LEU LEU A . n 
A 1 77 HIS 77 68 68 HIS HIS A . n 
A 1 78 LEU 78 69 69 LEU LEU A . n 
A 1 79 VAL 79 70 70 VAL VAL A . n 
A 1 80 LEU 80 71 71 LEU LEU A . n 
A 1 81 ARG 81 72 ?  ?   ?   A . n 
A 1 82 LEU 82 73 ?  ?   ?   A . n 
A 1 83 ARG 83 74 ?  ?   ?   A . n 
A 1 84 GLY 84 75 ?  ?   ?   A . n 
A 1 85 GLY 85 76 ?  ?   ?   A . n 
A 1 86 GLY 86 77 ?  ?   ?   A . n 
A 1 87 LEU 87 78 ?  ?   ?   A . n 
A 1 88 ASP 88 79 ?  ?   ?   A . n 
# 
loop_
_pdbx_nonpoly_scheme.asym_id 
_pdbx_nonpoly_scheme.entity_id 
_pdbx_nonpoly_scheme.mon_id 
_pdbx_nonpoly_scheme.ndb_seq_num 
_pdbx_nonpoly_scheme.pdb_seq_num 
_pdbx_nonpoly_scheme.auth_seq_num 
_pdbx_nonpoly_scheme.pdb_mon_id 
_pdbx_nonpoly_scheme.auth_mon_id 
_pdbx_nonpoly_scheme.pdb_strand_id 
_pdbx_nonpoly_scheme.pdb_ins_code 
B 2 HOH 1  80  1  HOH HOH A . 
B 2 HOH 2  81  2  HOH HOH A . 
B 2 HOH 3  82  3  HOH HOH A . 
B 2 HOH 4  83  4  HOH HOH A . 
B 2 HOH 5  84  5  HOH HOH A . 
B 2 HOH 6  85  6  HOH HOH A . 
B 2 HOH 7  86  7  HOH HOH A . 
B 2 HOH 8  87  8  HOH HOH A . 
B 2 HOH 9  88  9  HOH HOH A . 
B 2 HOH 10 89  10 HOH HOH A . 
B 2 HOH 11 90  11 HOH HOH A . 
B 2 HOH 12 91  12 HOH HOH A . 
B 2 HOH 13 92  13 HOH HOH A . 
B 2 HOH 14 93  14 HOH HOH A . 
B 2 HOH 15 94  15 HOH HOH A . 
B 2 HOH 16 95  16 HOH HOH A . 
B 2 HOH 17 96  17 HOH HOH A . 
B 2 HOH 18 97  18 HOH HOH A . 
B 2 HOH 19 98  19 HOH HOH A . 
B 2 HOH 20 99  20 HOH HOH A . 
B 2 HOH 21 100 21 HOH HOH A . 
B 2 HOH 22 101 22 HOH HOH A . 
B 2 HOH 23 102 23 HOH HOH A . 
B 2 HOH 24 103 24 HOH HOH A . 
B 2 HOH 25 104 25 HOH HOH A . 
B 2 HOH 26 105 26 HOH HOH A . 
B 2 HOH 27 106 27 HOH HOH A . 
B 2 HOH 28 107 28 HOH HOH A . 
B 2 HOH 29 108 29 HOH HOH A . 
B 2 HOH 30 109 30 HOH HOH A . 
B 2 HOH 31 110 31 HOH HOH A . 
B 2 HOH 32 111 32 HOH HOH A . 
B 2 HOH 33 112 33 HOH HOH A . 
B 2 HOH 34 113 34 HOH HOH A . 
B 2 HOH 35 114 35 HOH HOH A . 
B 2 HOH 36 115 36 HOH HOH A . 
B 2 HOH 37 116 37 HOH HOH A . 
B 2 HOH 38 117 38 HOH HOH A . 
B 2 HOH 39 118 39 HOH HOH A . 
B 2 HOH 40 119 40 HOH HOH A . 
B 2 HOH 41 120 41 HOH HOH A . 
B 2 HOH 42 121 42 HOH HOH A . 
B 2 HOH 43 122 43 HOH HOH A . 
B 2 HOH 44 123 44 HOH HOH A . 
B 2 HOH 45 124 45 HOH HOH A . 
B 2 HOH 46 125 46 HOH HOH A . 
B 2 HOH 47 126 47 HOH HOH A . 
B 2 HOH 48 127 48 HOH HOH A . 
B 2 HOH 49 128 49 HOH HOH A . 
# 
_pdbx_struct_assembly.id                   1 
_pdbx_struct_assembly.details              author_defined_assembly 
_pdbx_struct_assembly.method_details       ? 
_pdbx_struct_assembly.oligomeric_details   monomeric 
_pdbx_struct_assembly.oligomeric_count     1 
# 
_pdbx_struct_assembly_gen.assembly_id       1 
_pdbx_struct_assembly_gen.oper_expression   1 
_pdbx_struct_assembly_gen.asym_id_list      A,B 
# 
_pdbx_struct_oper_list.id                   1 
_pdbx_struct_oper_list.type                 'identity operation' 
_pdbx_struct_oper_list.name                 1_555 
_pdbx_struct_oper_list.symmetry_operation   x,y,z 
_pdbx_struct_oper_list.matrix[1][1]         1.0000000000 
_pdbx_struct_oper_list.matrix[1][2]         0.0000000000 
_pdbx_struct_oper_list.matrix[1][3]         0.0000000000 
_pdbx_struct_oper_list.vector[1]            0.0000000000 
_pdbx_struct_oper_list.matrix[2][1]         0.0000000000 
_pdbx_struct_oper_list.matrix[2][2]         1.0000000000 
_pdbx_struct_oper_list.matrix[2][3]         0.0000000000 
_pdbx_struct_oper_list.vector[2]            0.0000000000 
_pdbx_struct_oper_list.matrix[3][1]         0.0000000000 
_pdbx_struct_oper_list.matrix[3][2]         0.0000000000 
_pdbx_struct_oper_list.matrix[3][3]         1.0000000000 
_pdbx_struct_oper_list.vector[3]            0.0000000000 
# 
loop_
_pdbx_audit_revision_history.ordinal 
_pdbx_audit_revision_history.data_content_type 
_pdbx_audit_revision_history.major_revision 
_pdbx_audit_revision_history.minor_revision 
_pdbx_audit_revision_history.revision_date 
1 'Structure model' 1 0 2004-07-27 
2 'Structure model' 1 1 2008-04-29 
3 'Structure model' 1 2 2011-07-13 
4 'Structure model' 1 3 2021-10-27 
5 'Structure model' 1 4 2023-08-23 
# 
_pdbx_audit_revision_details.ordinal             1 
_pdbx_audit_revision_details.revision_ordinal    1 
_pdbx_audit_revision_details.data_content_type   'Structure model' 
_pdbx_audit_revision_details.provider            repository 
_pdbx_audit_revision_details.type                'Initial release' 
_pdbx_audit_revision_details.description         ? 
_pdbx_audit_revision_details.details             ? 
# 
loop_
_pdbx_audit_revision_group.ordinal 
_pdbx_audit_revision_group.revision_ordinal 
_pdbx_audit_revision_group.data_content_type 
_pdbx_audit_revision_group.group 
1 2 'Structure model' 'Version format compliance' 
2 3 'Structure model' Advisory                    
3 3 'Structure model' 'Version format compliance' 
4 4 'Structure model' 'Database references'       
5 5 'Structure model' 'Data collection'           
6 5 'Structure model' 'Refinement description'    
# 
loop_
_pdbx_audit_revision_category.ordinal 
_pdbx_audit_revision_category.revision_ordinal 
_pdbx_audit_revision_category.data_content_type 
_pdbx_audit_revision_category.category 
1 4 'Structure model' database_2                    
2 4 'Structure model' struct_ref_seq_dif            
3 5 'Structure model' chem_comp_atom                
4 5 'Structure model' chem_comp_bond                
5 5 'Structure model' pdbx_initial_refinement_model 
# 
loop_
_pdbx_audit_revision_item.ordinal 
_pdbx_audit_revision_item.revision_ordinal 
_pdbx_audit_revision_item.data_content_type 
_pdbx_audit_revision_item.item 
1 4 'Structure model' '_database_2.pdbx_DOI'                
2 4 'Structure model' '_database_2.pdbx_database_accession' 
3 4 'Structure model' '_struct_ref_seq_dif.details'         
# 
_pdbx_refine_tls.id               1 
_pdbx_refine_tls.details          ? 
_pdbx_refine_tls.method           refined 
_pdbx_refine_tls.origin_x         -0.4535 
_pdbx_refine_tls.origin_y         -0.0886 
_pdbx_refine_tls.origin_z         -0.0581 
_pdbx_refine_tls.T[1][1]          0.0642 
_pdbx_refine_tls.T[2][2]          0.0032 
_pdbx_refine_tls.T[3][3]          0.0845 
_pdbx_refine_tls.T[1][2]          -0.0035 
_pdbx_refine_tls.T[1][3]          0.0129 
_pdbx_refine_tls.T[2][3]          0.0150 
_pdbx_refine_tls.L[1][1]          4.8778 
_pdbx_refine_tls.L[2][2]          1.4805 
_pdbx_refine_tls.L[3][3]          4.4076 
_pdbx_refine_tls.L[1][2]          -1.0193 
_pdbx_refine_tls.L[1][3]          0.0160 
_pdbx_refine_tls.L[2][3]          0.2516 
_pdbx_refine_tls.S[1][1]          -0.0611 
_pdbx_refine_tls.S[1][2]          -0.1196 
_pdbx_refine_tls.S[1][3]          -0.2345 
_pdbx_refine_tls.S[2][1]          -0.0178 
_pdbx_refine_tls.S[2][2]          -0.0073 
_pdbx_refine_tls.S[2][3]          0.0733 
_pdbx_refine_tls.S[3][1]          0.0810 
_pdbx_refine_tls.S[3][2]          0.1385 
_pdbx_refine_tls.S[3][3]          0.0683 
_pdbx_refine_tls.pdbx_refine_id   'X-RAY DIFFRACTION' 
# 
loop_
_pdbx_refine_tls_group.id 
_pdbx_refine_tls_group.refine_tls_id 
_pdbx_refine_tls_group.beg_label_asym_id 
_pdbx_refine_tls_group.beg_label_seq_id 
_pdbx_refine_tls_group.beg_auth_seq_id 
_pdbx_refine_tls_group.end_label_asym_id 
_pdbx_refine_tls_group.end_label_seq_id 
_pdbx_refine_tls_group.end_auth_seq_id 
_pdbx_refine_tls_group.selection 
_pdbx_refine_tls_group.beg_auth_asym_id 
_pdbx_refine_tls_group.end_auth_asym_id 
_pdbx_refine_tls_group.pdbx_refine_id 
_pdbx_refine_tls_group.selection_details 
1 1 A 10 1  A 80 71  ? A A 'X-RAY DIFFRACTION' ? 
2 1 B 1  80 B 49 128 ? A A 'X-RAY DIFFRACTION' ? 
# 
loop_
_software.name 
_software.classification 
_software.version 
_software.citation_id 
_software.pdbx_ordinal 
REFMAC refinement       5.1.24    ? 1 
MOSFLM 'data reduction' .         ? 2 
CCP4   'data scaling'   '(SCALA)' ? 3 
AMoRE  phasing          .         ? 4 
# 
_pdbx_validate_rmsd_angle.id                         1 
_pdbx_validate_rmsd_angle.PDB_model_num              1 
_pdbx_validate_rmsd_angle.auth_atom_id_1             CB 
_pdbx_validate_rmsd_angle.auth_asym_id_1             A 
_pdbx_validate_rmsd_angle.auth_comp_id_1             ASP 
_pdbx_validate_rmsd_angle.auth_seq_id_1              21 
_pdbx_validate_rmsd_angle.PDB_ins_code_1             ? 
_pdbx_validate_rmsd_angle.label_alt_id_1             ? 
_pdbx_validate_rmsd_angle.auth_atom_id_2             CG 
_pdbx_validate_rmsd_angle.auth_asym_id_2             A 
_pdbx_validate_rmsd_angle.auth_comp_id_2             ASP 
_pdbx_validate_rmsd_angle.auth_seq_id_2              21 
_pdbx_validate_rmsd_angle.PDB_ins_code_2             ? 
_pdbx_validate_rmsd_angle.label_alt_id_2             ? 
_pdbx_validate_rmsd_angle.auth_atom_id_3             OD2 
_pdbx_validate_rmsd_angle.auth_asym_id_3             A 
_pdbx_validate_rmsd_angle.auth_comp_id_3             ASP 
_pdbx_validate_rmsd_angle.auth_seq_id_3              21 
_pdbx_validate_rmsd_angle.PDB_ins_code_3             ? 
_pdbx_validate_rmsd_angle.label_alt_id_3             ? 
_pdbx_validate_rmsd_angle.angle_value                124.85 
_pdbx_validate_rmsd_angle.angle_target_value         118.30 
_pdbx_validate_rmsd_angle.angle_deviation            6.55 
_pdbx_validate_rmsd_angle.angle_standard_deviation   0.90 
_pdbx_validate_rmsd_angle.linker_flag                N 
# 
_pdbx_validate_torsion.id              1 
_pdbx_validate_torsion.PDB_model_num   1 
_pdbx_validate_torsion.auth_comp_id    ALA 
_pdbx_validate_torsion.auth_asym_id    A 
_pdbx_validate_torsion.auth_seq_id     46 
_pdbx_validate_torsion.PDB_ins_code    ? 
_pdbx_validate_torsion.label_alt_id    ? 
_pdbx_validate_torsion.phi             72.67 
_pdbx_validate_torsion.psi             -127.60 
# 
_pdbx_validate_peptide_omega.id               1 
_pdbx_validate_peptide_omega.PDB_model_num    1 
_pdbx_validate_peptide_omega.auth_comp_id_1   GLY 
_pdbx_validate_peptide_omega.auth_asym_id_1   A 
_pdbx_validate_peptide_omega.auth_seq_id_1    53 
_pdbx_validate_peptide_omega.PDB_ins_code_1   ? 
_pdbx_validate_peptide_omega.label_alt_id_1   ? 
_pdbx_validate_peptide_omega.auth_comp_id_2   ARG 
_pdbx_validate_peptide_omega.auth_asym_id_2   A 
_pdbx_validate_peptide_omega.auth_seq_id_2    54 
_pdbx_validate_peptide_omega.PDB_ins_code_2   ? 
_pdbx_validate_peptide_omega.label_alt_id_2   ? 
_pdbx_validate_peptide_omega.omega            -145.56 
# 
loop_
_pdbx_unobs_or_zero_occ_atoms.id 
_pdbx_unobs_or_zero_occ_atoms.PDB_model_num 
_pdbx_unobs_or_zero_occ_atoms.polymer_flag 
_pdbx_unobs_or_zero_occ_atoms.occupancy_flag 
_pdbx_unobs_or_zero_occ_atoms.auth_asym_id 
_pdbx_unobs_or_zero_occ_atoms.auth_comp_id 
_pdbx_unobs_or_zero_occ_atoms.auth_seq_id 
_pdbx_unobs_or_zero_occ_atoms.PDB_ins_code 
_pdbx_unobs_or_zero_occ_atoms.auth_atom_id 
_pdbx_unobs_or_zero_occ_atoms.label_alt_id 
_pdbx_unobs_or_zero_occ_atoms.label_asym_id 
_pdbx_unobs_or_zero_occ_atoms.label_comp_id 
_pdbx_unobs_or_zero_occ_atoms.label_seq_id 
_pdbx_unobs_or_zero_occ_atoms.label_atom_id 
1  1 Y 1 A LYS 6  ? CD  ? A LYS 15 CD  
2  1 Y 1 A LYS 6  ? CE  ? A LYS 15 CE  
3  1 Y 1 A LYS 6  ? NZ  ? A LYS 15 NZ  
4  1 Y 1 A LYS 29 ? CD  ? A LYS 38 CD  
5  1 Y 1 A LYS 29 ? CE  ? A LYS 38 CE  
6  1 Y 1 A LYS 29 ? NZ  ? A LYS 38 NZ  
7  1 Y 1 A ARG 54 ? NE  ? A ARG 63 NE  
8  1 Y 1 A ARG 54 ? CZ  ? A ARG 63 CZ  
9  1 Y 1 A ARG 54 ? NH1 ? A ARG 63 NH1 
10 1 Y 1 A ARG 54 ? NH2 ? A ARG 63 NH2 
11 1 Y 1 A LYS 63 ? CE  ? A LYS 72 CE  
12 1 Y 1 A LYS 63 ? NZ  ? A LYS 72 NZ  
# 
loop_
_pdbx_unobs_or_zero_occ_residues.id 
_pdbx_unobs_or_zero_occ_residues.PDB_model_num 
_pdbx_unobs_or_zero_occ_residues.polymer_flag 
_pdbx_unobs_or_zero_occ_residues.occupancy_flag 
_pdbx_unobs_or_zero_occ_residues.auth_asym_id 
_pdbx_unobs_or_zero_occ_residues.auth_comp_id 
_pdbx_unobs_or_zero_occ_residues.auth_seq_id 
_pdbx_unobs_or_zero_occ_residues.PDB_ins_code 
_pdbx_unobs_or_zero_occ_residues.label_asym_id 
_pdbx_unobs_or_zero_occ_residues.label_comp_id 
_pdbx_unobs_or_zero_occ_residues.label_seq_id 
1  1 Y 1 A HIS -8 ? A HIS 1  
2  1 Y 1 A HIS -7 ? A HIS 2  
3  1 Y 1 A HIS -6 ? A HIS 3  
4  1 Y 1 A HIS -5 ? A HIS 4  
5  1 Y 1 A HIS -4 ? A HIS 5  
6  1 Y 1 A HIS -3 ? A HIS 6  
7  1 Y 1 A LEU -2 ? A LEU 7  
8  1 Y 1 A GLN -1 ? A GLN 8  
9  1 Y 1 A GLY 0  ? A GLY 9  
10 1 Y 1 A ARG 72 ? A ARG 81 
11 1 Y 1 A LEU 73 ? A LEU 82 
12 1 Y 1 A ARG 74 ? A ARG 83 
13 1 Y 1 A GLY 75 ? A GLY 84 
14 1 Y 1 A GLY 76 ? A GLY 85 
15 1 Y 1 A GLY 77 ? A GLY 86 
16 1 Y 1 A LEU 78 ? A LEU 87 
17 1 Y 1 A ASP 79 ? A ASP 88 
# 
loop_
_chem_comp_atom.comp_id 
_chem_comp_atom.atom_id 
_chem_comp_atom.type_symbol 
_chem_comp_atom.pdbx_aromatic_flag 
_chem_comp_atom.pdbx_stereo_config 
_chem_comp_atom.pdbx_ordinal 
ALA N    N N N 1   
ALA CA   C N S 2   
ALA C    C N N 3   
ALA O    O N N 4   
ALA CB   C N N 5   
ALA OXT  O N N 6   
ALA H    H N N 7   
ALA H2   H N N 8   
ALA HA   H N N 9   
ALA HB1  H N N 10  
ALA HB2  H N N 11  
ALA HB3  H N N 12  
ALA HXT  H N N 13  
ARG N    N N N 14  
ARG CA   C N S 15  
ARG C    C N N 16  
ARG O    O N N 17  
ARG CB   C N N 18  
ARG CG   C N N 19  
ARG CD   C N N 20  
ARG NE   N N N 21  
ARG CZ   C N N 22  
ARG NH1  N N N 23  
ARG NH2  N N N 24  
ARG OXT  O N N 25  
ARG H    H N N 26  
ARG H2   H N N 27  
ARG HA   H N N 28  
ARG HB2  H N N 29  
ARG HB3  H N N 30  
ARG HG2  H N N 31  
ARG HG3  H N N 32  
ARG HD2  H N N 33  
ARG HD3  H N N 34  
ARG HE   H N N 35  
ARG HH11 H N N 36  
ARG HH12 H N N 37  
ARG HH21 H N N 38  
ARG HH22 H N N 39  
ARG HXT  H N N 40  
ASN N    N N N 41  
ASN CA   C N S 42  
ASN C    C N N 43  
ASN O    O N N 44  
ASN CB   C N N 45  
ASN CG   C N N 46  
ASN OD1  O N N 47  
ASN ND2  N N N 48  
ASN OXT  O N N 49  
ASN H    H N N 50  
ASN H2   H N N 51  
ASN HA   H N N 52  
ASN HB2  H N N 53  
ASN HB3  H N N 54  
ASN HD21 H N N 55  
ASN HD22 H N N 56  
ASN HXT  H N N 57  
ASP N    N N N 58  
ASP CA   C N S 59  
ASP C    C N N 60  
ASP O    O N N 61  
ASP CB   C N N 62  
ASP CG   C N N 63  
ASP OD1  O N N 64  
ASP OD2  O N N 65  
ASP OXT  O N N 66  
ASP H    H N N 67  
ASP H2   H N N 68  
ASP HA   H N N 69  
ASP HB2  H N N 70  
ASP HB3  H N N 71  
ASP HD2  H N N 72  
ASP HXT  H N N 73  
GLN N    N N N 74  
GLN CA   C N S 75  
GLN C    C N N 76  
GLN O    O N N 77  
GLN CB   C N N 78  
GLN CG   C N N 79  
GLN CD   C N N 80  
GLN OE1  O N N 81  
GLN NE2  N N N 82  
GLN OXT  O N N 83  
GLN H    H N N 84  
GLN H2   H N N 85  
GLN HA   H N N 86  
GLN HB2  H N N 87  
GLN HB3  H N N 88  
GLN HG2  H N N 89  
GLN HG3  H N N 90  
GLN HE21 H N N 91  
GLN HE22 H N N 92  
GLN HXT  H N N 93  
GLU N    N N N 94  
GLU CA   C N S 95  
GLU C    C N N 96  
GLU O    O N N 97  
GLU CB   C N N 98  
GLU CG   C N N 99  
GLU CD   C N N 100 
GLU OE1  O N N 101 
GLU OE2  O N N 102 
GLU OXT  O N N 103 
GLU H    H N N 104 
GLU H2   H N N 105 
GLU HA   H N N 106 
GLU HB2  H N N 107 
GLU HB3  H N N 108 
GLU HG2  H N N 109 
GLU HG3  H N N 110 
GLU HE2  H N N 111 
GLU HXT  H N N 112 
GLY N    N N N 113 
GLY CA   C N N 114 
GLY C    C N N 115 
GLY O    O N N 116 
GLY OXT  O N N 117 
GLY H    H N N 118 
GLY H2   H N N 119 
GLY HA2  H N N 120 
GLY HA3  H N N 121 
GLY HXT  H N N 122 
HIS N    N N N 123 
HIS CA   C N S 124 
HIS C    C N N 125 
HIS O    O N N 126 
HIS CB   C N N 127 
HIS CG   C Y N 128 
HIS ND1  N Y N 129 
HIS CD2  C Y N 130 
HIS CE1  C Y N 131 
HIS NE2  N Y N 132 
HIS OXT  O N N 133 
HIS H    H N N 134 
HIS H2   H N N 135 
HIS HA   H N N 136 
HIS HB2  H N N 137 
HIS HB3  H N N 138 
HIS HD1  H N N 139 
HIS HD2  H N N 140 
HIS HE1  H N N 141 
HIS HE2  H N N 142 
HIS HXT  H N N 143 
HOH O    O N N 144 
HOH H1   H N N 145 
HOH H2   H N N 146 
ILE N    N N N 147 
ILE CA   C N S 148 
ILE C    C N N 149 
ILE O    O N N 150 
ILE CB   C N S 151 
ILE CG1  C N N 152 
ILE CG2  C N N 153 
ILE CD1  C N N 154 
ILE OXT  O N N 155 
ILE H    H N N 156 
ILE H2   H N N 157 
ILE HA   H N N 158 
ILE HB   H N N 159 
ILE HG12 H N N 160 
ILE HG13 H N N 161 
ILE HG21 H N N 162 
ILE HG22 H N N 163 
ILE HG23 H N N 164 
ILE HD11 H N N 165 
ILE HD12 H N N 166 
ILE HD13 H N N 167 
ILE HXT  H N N 168 
LEU N    N N N 169 
LEU CA   C N S 170 
LEU C    C N N 171 
LEU O    O N N 172 
LEU CB   C N N 173 
LEU CG   C N N 174 
LEU CD1  C N N 175 
LEU CD2  C N N 176 
LEU OXT  O N N 177 
LEU H    H N N 178 
LEU H2   H N N 179 
LEU HA   H N N 180 
LEU HB2  H N N 181 
LEU HB3  H N N 182 
LEU HG   H N N 183 
LEU HD11 H N N 184 
LEU HD12 H N N 185 
LEU HD13 H N N 186 
LEU HD21 H N N 187 
LEU HD22 H N N 188 
LEU HD23 H N N 189 
LEU HXT  H N N 190 
LYS N    N N N 191 
LYS CA   C N S 192 
LYS C    C N N 193 
LYS O    O N N 194 
LYS CB   C N N 195 
LYS CG   C N N 196 
LYS CD   C N N 197 
LYS CE   C N N 198 
LYS NZ   N N N 199 
LYS OXT  O N N 200 
LYS H    H N N 201 
LYS H2   H N N 202 
LYS HA   H N N 203 
LYS HB2  H N N 204 
LYS HB3  H N N 205 
LYS HG2  H N N 206 
LYS HG3  H N N 207 
LYS HD2  H N N 208 
LYS HD3  H N N 209 
LYS HE2  H N N 210 
LYS HE3  H N N 211 
LYS HZ1  H N N 212 
LYS HZ2  H N N 213 
LYS HZ3  H N N 214 
LYS HXT  H N N 215 
MET N    N N N 216 
MET CA   C N S 217 
MET C    C N N 218 
MET O    O N N 219 
MET CB   C N N 220 
MET CG   C N N 221 
MET SD   S N N 222 
MET CE   C N N 223 
MET OXT  O N N 224 
MET H    H N N 225 
MET H2   H N N 226 
MET HA   H N N 227 
MET HB2  H N N 228 
MET HB3  H N N 229 
MET HG2  H N N 230 
MET HG3  H N N 231 
MET HE1  H N N 232 
MET HE2  H N N 233 
MET HE3  H N N 234 
MET HXT  H N N 235 
PHE N    N N N 236 
PHE CA   C N S 237 
PHE C    C N N 238 
PHE O    O N N 239 
PHE CB   C N N 240 
PHE CG   C Y N 241 
PHE CD1  C Y N 242 
PHE CD2  C Y N 243 
PHE CE1  C Y N 244 
PHE CE2  C Y N 245 
PHE CZ   C Y N 246 
PHE OXT  O N N 247 
PHE H    H N N 248 
PHE H2   H N N 249 
PHE HA   H N N 250 
PHE HB2  H N N 251 
PHE HB3  H N N 252 
PHE HD1  H N N 253 
PHE HD2  H N N 254 
PHE HE1  H N N 255 
PHE HE2  H N N 256 
PHE HZ   H N N 257 
PHE HXT  H N N 258 
PRO N    N N N 259 
PRO CA   C N S 260 
PRO C    C N N 261 
PRO O    O N N 262 
PRO CB   C N N 263 
PRO CG   C N N 264 
PRO CD   C N N 265 
PRO OXT  O N N 266 
PRO H    H N N 267 
PRO HA   H N N 268 
PRO HB2  H N N 269 
PRO HB3  H N N 270 
PRO HG2  H N N 271 
PRO HG3  H N N 272 
PRO HD2  H N N 273 
PRO HD3  H N N 274 
PRO HXT  H N N 275 
SER N    N N N 276 
SER CA   C N S 277 
SER C    C N N 278 
SER O    O N N 279 
SER CB   C N N 280 
SER OG   O N N 281 
SER OXT  O N N 282 
SER H    H N N 283 
SER H2   H N N 284 
SER HA   H N N 285 
SER HB2  H N N 286 
SER HB3  H N N 287 
SER HG   H N N 288 
SER HXT  H N N 289 
THR N    N N N 290 
THR CA   C N S 291 
THR C    C N N 292 
THR O    O N N 293 
THR CB   C N R 294 
THR OG1  O N N 295 
THR CG2  C N N 296 
THR OXT  O N N 297 
THR H    H N N 298 
THR H2   H N N 299 
THR HA   H N N 300 
THR HB   H N N 301 
THR HG1  H N N 302 
THR HG21 H N N 303 
THR HG22 H N N 304 
THR HG23 H N N 305 
THR HXT  H N N 306 
TYR N    N N N 307 
TYR CA   C N S 308 
TYR C    C N N 309 
TYR O    O N N 310 
TYR CB   C N N 311 
TYR CG   C Y N 312 
TYR CD1  C Y N 313 
TYR CD2  C Y N 314 
TYR CE1  C Y N 315 
TYR CE2  C Y N 316 
TYR CZ   C Y N 317 
TYR OH   O N N 318 
TYR OXT  O N N 319 
TYR H    H N N 320 
TYR H2   H N N 321 
TYR HA   H N N 322 
TYR HB2  H N N 323 
TYR HB3  H N N 324 
TYR HD1  H N N 325 
TYR HD2  H N N 326 
TYR HE1  H N N 327 
TYR HE2  H N N 328 
TYR HH   H N N 329 
TYR HXT  H N N 330 
VAL N    N N N 331 
VAL CA   C N S 332 
VAL C    C N N 333 
VAL O    O N N 334 
VAL CB   C N N 335 
VAL CG1  C N N 336 
VAL CG2  C N N 337 
VAL OXT  O N N 338 
VAL H    H N N 339 
VAL H2   H N N 340 
VAL HA   H N N 341 
VAL HB   H N N 342 
VAL HG11 H N N 343 
VAL HG12 H N N 344 
VAL HG13 H N N 345 
VAL HG21 H N N 346 
VAL HG22 H N N 347 
VAL HG23 H N N 348 
VAL HXT  H N N 349 
# 
loop_
_chem_comp_bond.comp_id 
_chem_comp_bond.atom_id_1 
_chem_comp_bond.atom_id_2 
_chem_comp_bond.value_order 
_chem_comp_bond.pdbx_aromatic_flag 
_chem_comp_bond.pdbx_stereo_config 
_chem_comp_bond.pdbx_ordinal 
ALA N   CA   sing N N 1   
ALA N   H    sing N N 2   
ALA N   H2   sing N N 3   
ALA CA  C    sing N N 4   
ALA CA  CB   sing N N 5   
ALA CA  HA   sing N N 6   
ALA C   O    doub N N 7   
ALA C   OXT  sing N N 8   
ALA CB  HB1  sing N N 9   
ALA CB  HB2  sing N N 10  
ALA CB  HB3  sing N N 11  
ALA OXT HXT  sing N N 12  
ARG N   CA   sing N N 13  
ARG N   H    sing N N 14  
ARG N   H2   sing N N 15  
ARG CA  C    sing N N 16  
ARG CA  CB   sing N N 17  
ARG CA  HA   sing N N 18  
ARG C   O    doub N N 19  
ARG C   OXT  sing N N 20  
ARG CB  CG   sing N N 21  
ARG CB  HB2  sing N N 22  
ARG CB  HB3  sing N N 23  
ARG CG  CD   sing N N 24  
ARG CG  HG2  sing N N 25  
ARG CG  HG3  sing N N 26  
ARG CD  NE   sing N N 27  
ARG CD  HD2  sing N N 28  
ARG CD  HD3  sing N N 29  
ARG NE  CZ   sing N N 30  
ARG NE  HE   sing N N 31  
ARG CZ  NH1  sing N N 32  
ARG CZ  NH2  doub N N 33  
ARG NH1 HH11 sing N N 34  
ARG NH1 HH12 sing N N 35  
ARG NH2 HH21 sing N N 36  
ARG NH2 HH22 sing N N 37  
ARG OXT HXT  sing N N 38  
ASN N   CA   sing N N 39  
ASN N   H    sing N N 40  
ASN N   H2   sing N N 41  
ASN CA  C    sing N N 42  
ASN CA  CB   sing N N 43  
ASN CA  HA   sing N N 44  
ASN C   O    doub N N 45  
ASN C   OXT  sing N N 46  
ASN CB  CG   sing N N 47  
ASN CB  HB2  sing N N 48  
ASN CB  HB3  sing N N 49  
ASN CG  OD1  doub N N 50  
ASN CG  ND2  sing N N 51  
ASN ND2 HD21 sing N N 52  
ASN ND2 HD22 sing N N 53  
ASN OXT HXT  sing N N 54  
ASP N   CA   sing N N 55  
ASP N   H    sing N N 56  
ASP N   H2   sing N N 57  
ASP CA  C    sing N N 58  
ASP CA  CB   sing N N 59  
ASP CA  HA   sing N N 60  
ASP C   O    doub N N 61  
ASP C   OXT  sing N N 62  
ASP CB  CG   sing N N 63  
ASP CB  HB2  sing N N 64  
ASP CB  HB3  sing N N 65  
ASP CG  OD1  doub N N 66  
ASP CG  OD2  sing N N 67  
ASP OD2 HD2  sing N N 68  
ASP OXT HXT  sing N N 69  
GLN N   CA   sing N N 70  
GLN N   H    sing N N 71  
GLN N   H2   sing N N 72  
GLN CA  C    sing N N 73  
GLN CA  CB   sing N N 74  
GLN CA  HA   sing N N 75  
GLN C   O    doub N N 76  
GLN C   OXT  sing N N 77  
GLN CB  CG   sing N N 78  
GLN CB  HB2  sing N N 79  
GLN CB  HB3  sing N N 80  
GLN CG  CD   sing N N 81  
GLN CG  HG2  sing N N 82  
GLN CG  HG3  sing N N 83  
GLN CD  OE1  doub N N 84  
GLN CD  NE2  sing N N 85  
GLN NE2 HE21 sing N N 86  
GLN NE2 HE22 sing N N 87  
GLN OXT HXT  sing N N 88  
GLU N   CA   sing N N 89  
GLU N   H    sing N N 90  
GLU N   H2   sing N N 91  
GLU CA  C    sing N N 92  
GLU CA  CB   sing N N 93  
GLU CA  HA   sing N N 94  
GLU C   O    doub N N 95  
GLU C   OXT  sing N N 96  
GLU CB  CG   sing N N 97  
GLU CB  HB2  sing N N 98  
GLU CB  HB3  sing N N 99  
GLU CG  CD   sing N N 100 
GLU CG  HG2  sing N N 101 
GLU CG  HG3  sing N N 102 
GLU CD  OE1  doub N N 103 
GLU CD  OE2  sing N N 104 
GLU OE2 HE2  sing N N 105 
GLU OXT HXT  sing N N 106 
GLY N   CA   sing N N 107 
GLY N   H    sing N N 108 
GLY N   H2   sing N N 109 
GLY CA  C    sing N N 110 
GLY CA  HA2  sing N N 111 
GLY CA  HA3  sing N N 112 
GLY C   O    doub N N 113 
GLY C   OXT  sing N N 114 
GLY OXT HXT  sing N N 115 
HIS N   CA   sing N N 116 
HIS N   H    sing N N 117 
HIS N   H2   sing N N 118 
HIS CA  C    sing N N 119 
HIS CA  CB   sing N N 120 
HIS CA  HA   sing N N 121 
HIS C   O    doub N N 122 
HIS C   OXT  sing N N 123 
HIS CB  CG   sing N N 124 
HIS CB  HB2  sing N N 125 
HIS CB  HB3  sing N N 126 
HIS CG  ND1  sing Y N 127 
HIS CG  CD2  doub Y N 128 
HIS ND1 CE1  doub Y N 129 
HIS ND1 HD1  sing N N 130 
HIS CD2 NE2  sing Y N 131 
HIS CD2 HD2  sing N N 132 
HIS CE1 NE2  sing Y N 133 
HIS CE1 HE1  sing N N 134 
HIS NE2 HE2  sing N N 135 
HIS OXT HXT  sing N N 136 
HOH O   H1   sing N N 137 
HOH O   H2   sing N N 138 
ILE N   CA   sing N N 139 
ILE N   H    sing N N 140 
ILE N   H2   sing N N 141 
ILE CA  C    sing N N 142 
ILE CA  CB   sing N N 143 
ILE CA  HA   sing N N 144 
ILE C   O    doub N N 145 
ILE C   OXT  sing N N 146 
ILE CB  CG1  sing N N 147 
ILE CB  CG2  sing N N 148 
ILE CB  HB   sing N N 149 
ILE CG1 CD1  sing N N 150 
ILE CG1 HG12 sing N N 151 
ILE CG1 HG13 sing N N 152 
ILE CG2 HG21 sing N N 153 
ILE CG2 HG22 sing N N 154 
ILE CG2 HG23 sing N N 155 
ILE CD1 HD11 sing N N 156 
ILE CD1 HD12 sing N N 157 
ILE CD1 HD13 sing N N 158 
ILE OXT HXT  sing N N 159 
LEU N   CA   sing N N 160 
LEU N   H    sing N N 161 
LEU N   H2   sing N N 162 
LEU CA  C    sing N N 163 
LEU CA  CB   sing N N 164 
LEU CA  HA   sing N N 165 
LEU C   O    doub N N 166 
LEU C   OXT  sing N N 167 
LEU CB  CG   sing N N 168 
LEU CB  HB2  sing N N 169 
LEU CB  HB3  sing N N 170 
LEU CG  CD1  sing N N 171 
LEU CG  CD2  sing N N 172 
LEU CG  HG   sing N N 173 
LEU CD1 HD11 sing N N 174 
LEU CD1 HD12 sing N N 175 
LEU CD1 HD13 sing N N 176 
LEU CD2 HD21 sing N N 177 
LEU CD2 HD22 sing N N 178 
LEU CD2 HD23 sing N N 179 
LEU OXT HXT  sing N N 180 
LYS N   CA   sing N N 181 
LYS N   H    sing N N 182 
LYS N   H2   sing N N 183 
LYS CA  C    sing N N 184 
LYS CA  CB   sing N N 185 
LYS CA  HA   sing N N 186 
LYS C   O    doub N N 187 
LYS C   OXT  sing N N 188 
LYS CB  CG   sing N N 189 
LYS CB  HB2  sing N N 190 
LYS CB  HB3  sing N N 191 
LYS CG  CD   sing N N 192 
LYS CG  HG2  sing N N 193 
LYS CG  HG3  sing N N 194 
LYS CD  CE   sing N N 195 
LYS CD  HD2  sing N N 196 
LYS CD  HD3  sing N N 197 
LYS CE  NZ   sing N N 198 
LYS CE  HE2  sing N N 199 
LYS CE  HE3  sing N N 200 
LYS NZ  HZ1  sing N N 201 
LYS NZ  HZ2  sing N N 202 
LYS NZ  HZ3  sing N N 203 
LYS OXT HXT  sing N N 204 
MET N   CA   sing N N 205 
MET N   H    sing N N 206 
MET N   H2   sing N N 207 
MET CA  C    sing N N 208 
MET CA  CB   sing N N 209 
MET CA  HA   sing N N 210 
MET C   O    doub N N 211 
MET C   OXT  sing N N 212 
MET CB  CG   sing N N 213 
MET CB  HB2  sing N N 214 
MET CB  HB3  sing N N 215 
MET CG  SD   sing N N 216 
MET CG  HG2  sing N N 217 
MET CG  HG3  sing N N 218 
MET SD  CE   sing N N 219 
MET CE  HE1  sing N N 220 
MET CE  HE2  sing N N 221 
MET CE  HE3  sing N N 222 
MET OXT HXT  sing N N 223 
PHE N   CA   sing N N 224 
PHE N   H    sing N N 225 
PHE N   H2   sing N N 226 
PHE CA  C    sing N N 227 
PHE CA  CB   sing N N 228 
PHE CA  HA   sing N N 229 
PHE C   O    doub N N 230 
PHE C   OXT  sing N N 231 
PHE CB  CG   sing N N 232 
PHE CB  HB2  sing N N 233 
PHE CB  HB3  sing N N 234 
PHE CG  CD1  doub Y N 235 
PHE CG  CD2  sing Y N 236 
PHE CD1 CE1  sing Y N 237 
PHE CD1 HD1  sing N N 238 
PHE CD2 CE2  doub Y N 239 
PHE CD2 HD2  sing N N 240 
PHE CE1 CZ   doub Y N 241 
PHE CE1 HE1  sing N N 242 
PHE CE2 CZ   sing Y N 243 
PHE CE2 HE2  sing N N 244 
PHE CZ  HZ   sing N N 245 
PHE OXT HXT  sing N N 246 
PRO N   CA   sing N N 247 
PRO N   CD   sing N N 248 
PRO N   H    sing N N 249 
PRO CA  C    sing N N 250 
PRO CA  CB   sing N N 251 
PRO CA  HA   sing N N 252 
PRO C   O    doub N N 253 
PRO C   OXT  sing N N 254 
PRO CB  CG   sing N N 255 
PRO CB  HB2  sing N N 256 
PRO CB  HB3  sing N N 257 
PRO CG  CD   sing N N 258 
PRO CG  HG2  sing N N 259 
PRO CG  HG3  sing N N 260 
PRO CD  HD2  sing N N 261 
PRO CD  HD3  sing N N 262 
PRO OXT HXT  sing N N 263 
SER N   CA   sing N N 264 
SER N   H    sing N N 265 
SER N   H2   sing N N 266 
SER CA  C    sing N N 267 
SER CA  CB   sing N N 268 
SER CA  HA   sing N N 269 
SER C   O    doub N N 270 
SER C   OXT  sing N N 271 
SER CB  OG   sing N N 272 
SER CB  HB2  sing N N 273 
SER CB  HB3  sing N N 274 
SER OG  HG   sing N N 275 
SER OXT HXT  sing N N 276 
THR N   CA   sing N N 277 
THR N   H    sing N N 278 
THR N   H2   sing N N 279 
THR CA  C    sing N N 280 
THR CA  CB   sing N N 281 
THR CA  HA   sing N N 282 
THR C   O    doub N N 283 
THR C   OXT  sing N N 284 
THR CB  OG1  sing N N 285 
THR CB  CG2  sing N N 286 
THR CB  HB   sing N N 287 
THR OG1 HG1  sing N N 288 
THR CG2 HG21 sing N N 289 
THR CG2 HG22 sing N N 290 
THR CG2 HG23 sing N N 291 
THR OXT HXT  sing N N 292 
TYR N   CA   sing N N 293 
TYR N   H    sing N N 294 
TYR N   H2   sing N N 295 
TYR CA  C    sing N N 296 
TYR CA  CB   sing N N 297 
TYR CA  HA   sing N N 298 
TYR C   O    doub N N 299 
TYR C   OXT  sing N N 300 
TYR CB  CG   sing N N 301 
TYR CB  HB2  sing N N 302 
TYR CB  HB3  sing N N 303 
TYR CG  CD1  doub Y N 304 
TYR CG  CD2  sing Y N 305 
TYR CD1 CE1  sing Y N 306 
TYR CD1 HD1  sing N N 307 
TYR CD2 CE2  doub Y N 308 
TYR CD2 HD2  sing N N 309 
TYR CE1 CZ   doub Y N 310 
TYR CE1 HE1  sing N N 311 
TYR CE2 CZ   sing Y N 312 
TYR CE2 HE2  sing N N 313 
TYR CZ  OH   sing N N 314 
TYR OH  HH   sing N N 315 
TYR OXT HXT  sing N N 316 
VAL N   CA   sing N N 317 
VAL N   H    sing N N 318 
VAL N   H2   sing N N 319 
VAL CA  C    sing N N 320 
VAL CA  CB   sing N N 321 
VAL CA  HA   sing N N 322 
VAL C   O    doub N N 323 
VAL C   OXT  sing N N 324 
VAL CB  CG1  sing N N 325 
VAL CB  CG2  sing N N 326 
VAL CB  HB   sing N N 327 
VAL CG1 HG11 sing N N 328 
VAL CG1 HG12 sing N N 329 
VAL CG1 HG13 sing N N 330 
VAL CG2 HG21 sing N N 331 
VAL CG2 HG22 sing N N 332 
VAL CG2 HG23 sing N N 333 
VAL OXT HXT  sing N N 334 
# 
_pdbx_entity_nonpoly.entity_id   2 
_pdbx_entity_nonpoly.name        water 
_pdbx_entity_nonpoly.comp_id     HOH 
# 
_pdbx_initial_refinement_model.id               1 
_pdbx_initial_refinement_model.entity_id_list   ? 
_pdbx_initial_refinement_model.type             'experimental model' 
_pdbx_initial_refinement_model.source_name      PDB 
_pdbx_initial_refinement_model.accession_code   1UBQ 
_pdbx_initial_refinement_model.details          ? 
# 
